data_1X58
#
_entry.id   1X58
#
_entity_poly.entity_id   1
_entity_poly.type   'polypeptide(L)'
_entity_poly.pdbx_seq_one_letter_code
;GSSGSSGRKDFTKEEVNYLFHGVKTMGNHWNSILWSFPFQKGRRAVDLAHKYHRLISGPSSG
;
_entity_poly.pdbx_strand_id   A
#
# COMPACT_ATOMS: atom_id res chain seq x y z
N GLY A 1 -6.59 8.51 -12.35
CA GLY A 1 -6.85 7.18 -12.88
C GLY A 1 -6.00 6.15 -12.17
N SER A 2 -6.61 5.09 -11.66
CA SER A 2 -5.97 4.02 -10.91
C SER A 2 -6.95 2.85 -10.86
N SER A 3 -6.72 1.80 -11.65
CA SER A 3 -7.66 0.67 -11.75
C SER A 3 -6.89 -0.67 -11.72
N GLY A 4 -7.63 -1.77 -11.61
CA GLY A 4 -7.11 -3.13 -11.51
C GLY A 4 -8.23 -4.15 -11.33
N SER A 5 -7.90 -5.44 -11.44
CA SER A 5 -8.84 -6.53 -11.67
C SER A 5 -8.29 -7.90 -11.23
N SER A 6 -7.32 -7.92 -10.31
CA SER A 6 -6.66 -9.13 -9.85
C SER A 6 -7.55 -9.83 -8.81
N GLY A 7 -8.03 -11.04 -9.09
CA GLY A 7 -8.92 -11.80 -8.23
C GLY A 7 -8.14 -12.76 -7.34
N ARG A 8 -7.15 -12.26 -6.61
CA ARG A 8 -6.22 -13.09 -5.83
C ARG A 8 -5.66 -12.30 -4.64
N LYS A 9 -4.92 -12.97 -3.76
CA LYS A 9 -4.19 -12.41 -2.62
C LYS A 9 -3.29 -11.24 -3.05
N ASP A 10 -3.84 -10.03 -2.96
CA ASP A 10 -3.23 -8.73 -3.26
C ASP A 10 -4.00 -7.72 -2.39
N PHE A 11 -3.67 -6.42 -2.44
CA PHE A 11 -4.40 -5.40 -1.70
C PHE A 11 -5.76 -5.14 -2.37
N THR A 12 -6.83 -4.99 -1.59
CA THR A 12 -8.07 -4.38 -2.08
C THR A 12 -7.80 -2.91 -2.37
N LYS A 13 -8.63 -2.31 -3.22
CA LYS A 13 -8.65 -0.87 -3.45
C LYS A 13 -8.82 -0.09 -2.14
N GLU A 14 -9.47 -0.66 -1.11
CA GLU A 14 -9.55 -0.04 0.21
C GLU A 14 -8.18 0.03 0.88
N GLU A 15 -7.40 -1.06 0.88
CA GLU A 15 -6.09 -0.99 1.52
C GLU A 15 -5.20 0.00 0.74
N VAL A 16 -5.28 0.03 -0.61
CA VAL A 16 -4.48 0.97 -1.40
C VAL A 16 -4.93 2.42 -1.16
N ASN A 17 -6.19 2.63 -0.79
CA ASN A 17 -6.68 3.93 -0.33
C ASN A 17 -5.83 4.35 0.87
N TYR A 18 -5.85 3.55 1.94
CA TYR A 18 -5.12 3.86 3.16
C TYR A 18 -3.62 3.95 2.94
N LEU A 19 -3.09 3.19 1.98
CA LEU A 19 -1.67 3.22 1.66
C LEU A 19 -1.27 4.64 1.27
N PHE A 20 -1.90 5.21 0.24
CA PHE A 20 -1.59 6.57 -0.18
C PHE A 20 -2.12 7.60 0.82
N HIS A 21 -3.29 7.38 1.44
CA HIS A 21 -3.84 8.26 2.46
C HIS A 21 -2.80 8.46 3.58
N GLY A 22 -2.16 7.36 4.01
CA GLY A 22 -1.09 7.35 4.98
C GLY A 22 0.12 8.09 4.43
N VAL A 23 0.74 7.60 3.36
CA VAL A 23 1.99 8.16 2.84
C VAL A 23 1.87 9.67 2.55
N LYS A 24 0.67 10.19 2.23
CA LYS A 24 0.43 11.59 1.88
C LYS A 24 0.66 12.53 3.07
N THR A 25 0.45 12.05 4.29
CA THR A 25 0.88 12.69 5.53
C THR A 25 2.20 12.12 6.06
N MET A 26 2.26 10.81 6.26
CA MET A 26 3.31 10.08 6.97
C MET A 26 4.67 10.21 6.33
N GLY A 27 4.71 10.39 5.01
CA GLY A 27 5.87 9.98 4.24
C GLY A 27 6.00 8.46 4.32
N ASN A 28 7.22 7.97 4.17
CA ASN A 28 7.54 6.55 3.97
C ASN A 28 7.45 5.75 5.28
N HIS A 29 6.74 6.20 6.32
CA HIS A 29 6.78 5.56 7.63
C HIS A 29 5.82 4.37 7.63
N TRP A 30 6.35 3.17 7.41
CA TRP A 30 5.54 2.03 7.06
C TRP A 30 4.90 1.38 8.28
N ASN A 31 5.66 1.12 9.35
CA ASN A 31 5.10 0.54 10.56
C ASN A 31 3.99 1.43 11.09
N SER A 32 4.24 2.74 11.09
CA SER A 32 3.31 3.78 11.50
C SER A 32 2.00 3.70 10.72
N ILE A 33 2.05 3.60 9.39
CA ILE A 33 0.87 3.44 8.53
C ILE A 33 0.13 2.16 8.92
N LEU A 34 0.84 1.04 9.07
CA LEU A 34 0.28 -0.25 9.39
C LEU A 34 -0.58 -0.19 10.66
N TRP A 35 -0.15 0.62 11.64
CA TRP A 35 -0.88 0.83 12.88
C TRP A 35 -1.93 1.93 12.73
N SER A 36 -1.69 2.98 11.93
CA SER A 36 -2.60 4.12 11.83
C SER A 36 -3.92 3.79 11.11
N PHE A 37 -3.93 2.84 10.17
CA PHE A 37 -5.12 2.56 9.36
C PHE A 37 -5.50 1.08 9.47
N PRO A 38 -6.77 0.72 9.26
CA PRO A 38 -7.21 -0.66 9.33
C PRO A 38 -6.68 -1.41 8.11
N PHE A 39 -5.85 -2.42 8.32
CA PHE A 39 -5.24 -3.26 7.30
C PHE A 39 -5.44 -4.74 7.59
N GLN A 40 -5.27 -5.57 6.57
CA GLN A 40 -5.37 -7.03 6.62
C GLN A 40 -4.58 -7.60 7.81
N LYS A 41 -5.22 -8.45 8.62
CA LYS A 41 -4.59 -9.10 9.76
C LYS A 41 -3.38 -9.89 9.29
N GLY A 42 -2.39 -10.03 10.16
CA GLY A 42 -1.17 -10.75 9.87
C GLY A 42 -0.25 -10.06 8.85
N ARG A 43 -0.58 -8.85 8.38
CA ARG A 43 0.31 -8.02 7.56
C ARG A 43 1.67 -7.85 8.24
N ARG A 44 2.65 -7.41 7.47
CA ARG A 44 3.90 -6.86 7.97
C ARG A 44 4.00 -5.46 7.40
N ALA A 45 4.80 -4.58 8.03
CA ALA A 45 4.98 -3.24 7.48
C ALA A 45 5.64 -3.29 6.09
N VAL A 46 6.40 -4.36 5.79
CA VAL A 46 7.05 -4.49 4.50
C VAL A 46 6.03 -4.59 3.39
N ASP A 47 4.89 -5.23 3.65
CA ASP A 47 3.86 -5.44 2.64
C ASP A 47 3.42 -4.10 2.05
N LEU A 48 3.39 -3.06 2.89
CA LEU A 48 3.05 -1.70 2.48
C LEU A 48 4.13 -1.18 1.52
N ALA A 49 5.39 -1.23 1.94
CA ALA A 49 6.55 -0.79 1.16
C ALA A 49 6.62 -1.57 -0.15
N HIS A 50 6.30 -2.86 -0.10
CA HIS A 50 6.42 -3.80 -1.19
C HIS A 50 5.30 -3.58 -2.21
N LYS A 51 4.06 -3.37 -1.76
CA LYS A 51 2.98 -3.00 -2.64
C LYS A 51 3.25 -1.63 -3.25
N TYR A 52 3.67 -0.67 -2.43
CA TYR A 52 4.01 0.70 -2.82
C TYR A 52 5.05 0.70 -3.91
N HIS A 53 6.11 -0.07 -3.72
CA HIS A 53 7.13 -0.32 -4.73
C HIS A 53 6.46 -0.66 -6.06
N ARG A 54 5.63 -1.71 -6.13
CA ARG A 54 4.93 -2.07 -7.36
C ARG A 54 3.98 -0.96 -7.84
N LEU A 55 3.37 -0.20 -6.94
CA LEU A 55 2.52 0.92 -7.33
C LEU A 55 3.36 1.98 -8.04
N ILE A 56 4.55 2.33 -7.55
CA ILE A 56 5.44 3.31 -8.18
C ILE A 56 6.26 2.70 -9.34
N SER A 57 6.23 1.38 -9.52
CA SER A 57 6.62 0.71 -10.76
C SER A 57 5.54 0.75 -11.84
N GLY A 58 4.35 1.28 -11.54
CA GLY A 58 3.34 1.62 -12.53
C GLY A 58 2.85 0.40 -13.35
N PRO A 59 2.13 0.63 -14.47
CA PRO A 59 1.67 -0.42 -15.37
C PRO A 59 2.77 -0.83 -16.36
N SER A 60 2.71 -2.09 -16.82
CA SER A 60 3.72 -2.73 -17.68
C SER A 60 5.14 -2.68 -17.10
N SER A 61 6.10 -3.33 -17.78
CA SER A 61 7.46 -3.54 -17.32
C SER A 61 7.52 -4.07 -15.88
N GLY A 62 7.19 -5.35 -15.70
CA GLY A 62 7.37 -6.07 -14.44
C GLY A 62 6.26 -7.07 -14.18
N GLY A 1 -7.39 -5.21 -15.41
CA GLY A 1 -7.65 -4.43 -14.19
C GLY A 1 -9.06 -3.87 -14.13
N SER A 2 -10.05 -4.73 -13.87
CA SER A 2 -11.43 -4.39 -13.61
C SER A 2 -12.01 -5.53 -12.78
N SER A 3 -12.33 -5.27 -11.52
CA SER A 3 -13.27 -6.08 -10.77
C SER A 3 -14.10 -5.15 -9.87
N GLY A 4 -15.16 -5.69 -9.28
CA GLY A 4 -16.12 -5.00 -8.43
C GLY A 4 -16.31 -5.77 -7.13
N SER A 5 -16.99 -6.91 -7.21
CA SER A 5 -17.39 -7.73 -6.07
C SER A 5 -16.38 -8.85 -5.75
N SER A 6 -15.14 -8.78 -6.27
CA SER A 6 -14.09 -9.72 -5.93
C SER A 6 -12.90 -8.99 -5.32
N GLY A 7 -13.00 -8.72 -4.02
CA GLY A 7 -11.87 -8.36 -3.18
C GLY A 7 -11.82 -9.36 -2.02
N ARG A 8 -10.63 -9.85 -1.67
CA ARG A 8 -10.39 -10.70 -0.51
C ARG A 8 -8.92 -10.63 -0.07
N LYS A 9 -7.96 -10.78 -1.00
CA LYS A 9 -6.52 -10.83 -0.71
C LYS A 9 -5.70 -10.01 -1.71
N ASP A 10 -4.38 -10.03 -1.54
CA ASP A 10 -3.54 -8.85 -1.74
C ASP A 10 -4.20 -7.66 -1.02
N PHE A 11 -4.01 -6.42 -1.44
CA PHE A 11 -4.64 -5.26 -0.79
C PHE A 11 -5.97 -4.98 -1.50
N THR A 12 -7.04 -4.71 -0.75
CA THR A 12 -8.29 -4.23 -1.34
C THR A 12 -8.10 -2.80 -1.88
N LYS A 13 -9.05 -2.31 -2.68
CA LYS A 13 -9.06 -0.92 -3.14
C LYS A 13 -9.07 0.03 -1.94
N GLU A 14 -9.73 -0.35 -0.85
CA GLU A 14 -9.74 0.39 0.40
C GLU A 14 -8.32 0.49 0.95
N GLU A 15 -7.64 -0.64 1.13
CA GLU A 15 -6.31 -0.69 1.72
C GLU A 15 -5.32 0.12 0.88
N VAL A 16 -5.37 0.00 -0.46
CA VAL A 16 -4.47 0.75 -1.34
C VAL A 16 -4.74 2.25 -1.26
N ASN A 17 -6.00 2.66 -1.07
CA ASN A 17 -6.34 4.05 -0.82
C ASN A 17 -5.72 4.48 0.51
N TYR A 18 -5.91 3.72 1.59
CA TYR A 18 -5.34 4.05 2.89
C TYR A 18 -3.83 4.07 2.85
N LEU A 19 -3.21 3.24 2.03
CA LEU A 19 -1.77 3.24 1.80
C LEU A 19 -1.35 4.61 1.28
N PHE A 20 -1.96 5.05 0.17
CA PHE A 20 -1.64 6.33 -0.45
C PHE A 20 -1.91 7.49 0.52
N HIS A 21 -3.05 7.46 1.21
CA HIS A 21 -3.40 8.44 2.22
C HIS A 21 -2.33 8.47 3.31
N GLY A 22 -1.87 7.29 3.75
CA GLY A 22 -0.81 7.09 4.72
C GLY A 22 0.46 7.78 4.27
N VAL A 23 1.03 7.39 3.15
CA VAL A 23 2.30 7.98 2.69
C VAL A 23 2.12 9.48 2.39
N LYS A 24 0.91 9.96 2.12
CA LYS A 24 0.62 11.37 1.86
C LYS A 24 0.68 12.19 3.15
N THR A 25 0.37 11.59 4.29
CA THR A 25 0.45 12.24 5.60
C THR A 25 1.79 11.91 6.26
N MET A 26 2.08 10.63 6.45
CA MET A 26 3.26 10.14 7.16
C MET A 26 4.55 10.37 6.38
N GLY A 27 4.49 10.44 5.05
CA GLY A 27 5.65 10.08 4.28
C GLY A 27 5.99 8.62 4.56
N ASN A 28 7.28 8.28 4.50
CA ASN A 28 7.79 6.92 4.31
C ASN A 28 7.72 6.05 5.58
N HIS A 29 6.97 6.43 6.62
CA HIS A 29 6.92 5.65 7.86
C HIS A 29 5.89 4.53 7.73
N TRP A 30 6.38 3.34 7.40
CA TRP A 30 5.54 2.17 7.14
C TRP A 30 4.91 1.62 8.40
N ASN A 31 5.66 1.52 9.50
CA ASN A 31 5.13 0.91 10.73
C ASN A 31 3.98 1.75 11.26
N SER A 32 4.10 3.07 11.21
CA SER A 32 3.05 3.99 11.59
C SER A 32 1.78 3.66 10.80
N ILE A 33 1.85 3.61 9.47
CA ILE A 33 0.75 3.32 8.56
C ILE A 33 0.09 2.00 8.95
N LEU A 34 0.89 0.94 9.08
CA LEU A 34 0.45 -0.41 9.39
C LEU A 34 -0.42 -0.42 10.64
N TRP A 35 0.03 0.25 11.70
CA TRP A 35 -0.73 0.33 12.92
C TRP A 35 -1.91 1.31 12.76
N SER A 36 -1.71 2.44 12.08
CA SER A 36 -2.68 3.51 11.94
C SER A 36 -3.96 2.98 11.26
N PHE A 37 -3.86 2.70 9.97
CA PHE A 37 -5.03 2.46 9.11
C PHE A 37 -5.40 0.98 9.21
N PRO A 38 -6.67 0.60 9.00
CA PRO A 38 -7.07 -0.79 9.14
C PRO A 38 -6.57 -1.58 7.93
N PHE A 39 -5.60 -2.47 8.12
CA PHE A 39 -5.13 -3.41 7.09
C PHE A 39 -5.53 -4.83 7.50
N GLN A 40 -5.30 -5.81 6.62
CA GLN A 40 -5.61 -7.20 6.91
C GLN A 40 -4.78 -7.74 8.08
N LYS A 41 -5.30 -8.77 8.75
CA LYS A 41 -4.65 -9.43 9.86
C LYS A 41 -3.34 -10.05 9.40
N GLY A 42 -2.28 -9.95 10.19
CA GLY A 42 -1.00 -10.56 9.87
C GLY A 42 -0.30 -9.87 8.70
N ARG A 43 -0.62 -8.60 8.44
CA ARG A 43 0.15 -7.77 7.53
C ARG A 43 1.49 -7.41 8.13
N ARG A 44 2.38 -6.92 7.27
CA ARG A 44 3.71 -6.47 7.66
C ARG A 44 3.86 -4.99 7.37
N ALA A 45 4.85 -4.34 7.99
CA ALA A 45 5.26 -3.02 7.51
C ALA A 45 5.80 -3.14 6.09
N VAL A 46 6.51 -4.22 5.77
CA VAL A 46 7.12 -4.40 4.45
C VAL A 46 6.08 -4.60 3.38
N ASP A 47 4.91 -5.13 3.73
CA ASP A 47 3.83 -5.36 2.79
C ASP A 47 3.44 -4.05 2.13
N LEU A 48 3.38 -2.98 2.94
CA LEU A 48 3.02 -1.63 2.56
C LEU A 48 4.07 -1.09 1.61
N ALA A 49 5.34 -1.18 2.03
CA ALA A 49 6.48 -0.72 1.29
C ALA A 49 6.48 -1.41 -0.06
N HIS A 50 6.27 -2.73 -0.06
CA HIS A 50 6.29 -3.58 -1.22
C HIS A 50 5.19 -3.19 -2.20
N LYS A 51 3.92 -3.16 -1.76
CA LYS A 51 2.79 -2.84 -2.61
C LYS A 51 3.02 -1.49 -3.29
N TYR A 52 3.43 -0.50 -2.51
CA TYR A 52 3.75 0.84 -2.95
C TYR A 52 4.88 0.83 -3.97
N HIS A 53 5.98 0.16 -3.66
CA HIS A 53 7.14 0.02 -4.52
C HIS A 53 6.75 -0.56 -5.89
N ARG A 54 5.86 -1.55 -5.88
CA ARG A 54 5.29 -2.15 -7.07
C ARG A 54 4.38 -1.14 -7.77
N LEU A 55 3.54 -0.39 -7.06
CA LEU A 55 2.65 0.63 -7.63
C LEU A 55 3.41 1.70 -8.39
N ILE A 56 4.44 2.29 -7.79
CA ILE A 56 5.29 3.28 -8.46
C ILE A 56 6.23 2.64 -9.50
N SER A 57 6.20 1.31 -9.59
CA SER A 57 7.11 0.41 -10.28
C SER A 57 8.54 0.96 -10.27
N GLY A 58 9.23 0.77 -9.14
CA GLY A 58 10.64 1.11 -9.02
C GLY A 58 11.44 0.58 -10.23
N PRO A 59 12.28 1.40 -10.85
CA PRO A 59 12.89 1.07 -12.15
C PRO A 59 13.89 -0.08 -12.05
N SER A 60 14.25 -0.65 -13.19
CA SER A 60 15.24 -1.71 -13.32
C SER A 60 15.97 -1.55 -14.66
N SER A 61 17.30 -1.64 -14.63
CA SER A 61 18.21 -1.59 -15.77
C SER A 61 18.08 -0.32 -16.63
N GLY A 62 18.94 -0.23 -17.65
CA GLY A 62 18.93 0.81 -18.67
C GLY A 62 18.12 0.35 -19.87
N GLY A 1 -7.74 5.16 -9.63
CA GLY A 1 -8.91 4.41 -9.13
C GLY A 1 -10.19 4.86 -9.82
N SER A 2 -11.25 4.05 -9.72
CA SER A 2 -12.62 4.33 -10.13
C SER A 2 -13.44 3.14 -9.59
N SER A 3 -14.51 2.74 -10.27
CA SER A 3 -15.32 1.56 -9.98
C SER A 3 -14.49 0.26 -9.98
N GLY A 4 -15.10 -0.82 -9.48
CA GLY A 4 -14.51 -2.13 -9.36
C GLY A 4 -13.90 -2.27 -7.98
N SER A 5 -14.73 -2.56 -6.97
CA SER A 5 -14.26 -2.77 -5.60
C SER A 5 -13.31 -3.97 -5.51
N SER A 6 -12.59 -4.10 -4.39
CA SER A 6 -11.49 -5.05 -4.15
C SER A 6 -10.31 -4.90 -5.12
N GLY A 7 -9.14 -5.35 -4.69
CA GLY A 7 -7.89 -5.23 -5.44
C GLY A 7 -7.76 -6.46 -6.33
N ARG A 8 -7.18 -7.51 -5.77
CA ARG A 8 -7.53 -8.88 -6.16
C ARG A 8 -7.71 -9.67 -4.88
N LYS A 9 -6.64 -9.81 -4.09
CA LYS A 9 -6.71 -10.45 -2.77
C LYS A 9 -5.87 -9.60 -1.83
N ASP A 10 -4.55 -9.75 -1.89
CA ASP A 10 -3.59 -8.89 -1.23
C ASP A 10 -3.85 -7.43 -1.60
N PHE A 11 -4.07 -6.56 -0.61
CA PHE A 11 -4.46 -5.16 -0.75
C PHE A 11 -5.73 -4.97 -1.59
N THR A 12 -6.86 -4.88 -0.91
CA THR A 12 -8.14 -4.45 -1.48
C THR A 12 -8.04 -3.01 -1.98
N LYS A 13 -9.11 -2.51 -2.58
CA LYS A 13 -9.19 -1.11 -2.99
C LYS A 13 -9.02 -0.20 -1.78
N GLU A 14 -9.68 -0.56 -0.67
CA GLU A 14 -9.67 0.21 0.56
C GLU A 14 -8.23 0.42 1.00
N GLU A 15 -7.50 -0.70 1.13
CA GLU A 15 -6.13 -0.73 1.62
C GLU A 15 -5.19 0.07 0.73
N VAL A 16 -5.32 -0.03 -0.60
CA VAL A 16 -4.49 0.77 -1.50
C VAL A 16 -4.80 2.26 -1.32
N ASN A 17 -6.07 2.60 -1.11
CA ASN A 17 -6.45 3.99 -0.88
C ASN A 17 -5.78 4.46 0.42
N TYR A 18 -5.86 3.68 1.51
CA TYR A 18 -5.18 4.00 2.76
C TYR A 18 -3.67 4.08 2.60
N LEU A 19 -3.08 3.27 1.73
CA LEU A 19 -1.66 3.29 1.47
C LEU A 19 -1.27 4.71 1.02
N PHE A 20 -1.92 5.22 -0.02
CA PHE A 20 -1.71 6.58 -0.48
C PHE A 20 -2.07 7.60 0.61
N HIS A 21 -3.22 7.45 1.27
CA HIS A 21 -3.67 8.39 2.29
C HIS A 21 -2.67 8.52 3.43
N GLY A 22 -1.97 7.43 3.79
CA GLY A 22 -1.00 7.36 4.86
C GLY A 22 0.33 7.96 4.44
N VAL A 23 0.87 7.53 3.30
CA VAL A 23 2.14 8.07 2.80
C VAL A 23 2.04 9.59 2.59
N LYS A 24 0.85 10.11 2.29
CA LYS A 24 0.59 11.54 2.15
C LYS A 24 1.00 12.29 3.42
N THR A 25 0.52 11.79 4.56
CA THR A 25 0.55 12.45 5.85
C THR A 25 1.74 12.04 6.73
N MET A 26 2.34 10.87 6.49
CA MET A 26 3.36 10.26 7.36
C MET A 26 4.63 9.86 6.61
N GLY A 27 4.66 9.97 5.28
CA GLY A 27 5.81 9.57 4.48
C GLY A 27 5.99 8.06 4.48
N ASN A 28 7.20 7.59 4.18
CA ASN A 28 7.53 6.17 4.07
C ASN A 28 7.54 5.46 5.44
N HIS A 29 6.88 5.98 6.48
CA HIS A 29 6.94 5.38 7.79
C HIS A 29 5.91 4.25 7.81
N TRP A 30 6.39 3.03 7.58
CA TRP A 30 5.52 1.93 7.21
C TRP A 30 4.87 1.32 8.43
N ASN A 31 5.63 1.07 9.51
CA ASN A 31 5.10 0.56 10.78
C ASN A 31 3.90 1.40 11.21
N SER A 32 4.12 2.72 11.18
CA SER A 32 3.19 3.77 11.52
C SER A 32 1.91 3.64 10.71
N ILE A 33 1.99 3.59 9.37
CA ILE A 33 0.84 3.41 8.49
C ILE A 33 0.11 2.10 8.81
N LEU A 34 0.85 1.01 9.00
CA LEU A 34 0.33 -0.33 9.25
C LEU A 34 -0.61 -0.31 10.47
N TRP A 35 -0.30 0.51 11.47
CA TRP A 35 -1.13 0.71 12.64
C TRP A 35 -2.17 1.82 12.42
N SER A 36 -1.83 2.90 11.71
CA SER A 36 -2.71 4.05 11.55
C SER A 36 -3.97 3.75 10.72
N PHE A 37 -4.00 2.67 9.93
CA PHE A 37 -5.09 2.37 9.00
C PHE A 37 -5.39 0.87 9.01
N PRO A 38 -6.62 0.44 8.67
CA PRO A 38 -7.00 -0.96 8.75
C PRO A 38 -6.51 -1.73 7.51
N PHE A 39 -5.53 -2.60 7.71
CA PHE A 39 -4.98 -3.49 6.69
C PHE A 39 -5.42 -4.94 6.97
N GLN A 40 -4.99 -5.89 6.14
CA GLN A 40 -5.24 -7.31 6.36
C GLN A 40 -4.48 -7.81 7.60
N LYS A 41 -4.88 -8.97 8.13
CA LYS A 41 -4.20 -9.60 9.26
C LYS A 41 -2.83 -10.11 8.82
N GLY A 42 -1.86 -10.07 9.74
CA GLY A 42 -0.54 -10.62 9.53
C GLY A 42 0.28 -9.86 8.50
N ARG A 43 -0.22 -8.74 7.98
CA ARG A 43 0.56 -7.83 7.16
C ARG A 43 1.73 -7.36 7.98
N ARG A 44 2.90 -7.34 7.34
CA ARG A 44 4.11 -6.76 7.89
C ARG A 44 4.17 -5.30 7.46
N ALA A 45 5.06 -4.51 8.06
CA ALA A 45 5.35 -3.18 7.56
C ALA A 45 5.86 -3.24 6.12
N VAL A 46 6.68 -4.25 5.79
CA VAL A 46 7.28 -4.40 4.45
C VAL A 46 6.24 -4.62 3.38
N ASP A 47 5.10 -5.19 3.74
CA ASP A 47 4.04 -5.45 2.77
C ASP A 47 3.60 -4.13 2.15
N LEU A 48 3.55 -3.05 2.95
CA LEU A 48 3.22 -1.70 2.50
C LEU A 48 4.30 -1.19 1.57
N ALA A 49 5.56 -1.31 1.99
CA ALA A 49 6.71 -0.84 1.24
C ALA A 49 6.76 -1.54 -0.11
N HIS A 50 6.48 -2.85 -0.11
CA HIS A 50 6.47 -3.68 -1.29
C HIS A 50 5.31 -3.28 -2.21
N LYS A 51 4.08 -3.22 -1.71
CA LYS A 51 2.95 -2.88 -2.54
C LYS A 51 3.17 -1.48 -3.13
N TYR A 52 3.63 -0.53 -2.34
CA TYR A 52 3.98 0.81 -2.77
C TYR A 52 5.02 0.76 -3.89
N HIS A 53 6.12 0.02 -3.69
CA HIS A 53 7.14 -0.20 -4.71
C HIS A 53 6.51 -0.67 -6.02
N ARG A 54 5.58 -1.64 -5.93
CA ARG A 54 4.86 -2.19 -7.07
C ARG A 54 3.83 -1.21 -7.64
N LEU A 55 3.30 -0.28 -6.86
CA LEU A 55 2.42 0.79 -7.34
C LEU A 55 3.23 1.77 -8.16
N ILE A 56 4.26 2.38 -7.58
CA ILE A 56 5.07 3.37 -8.26
C ILE A 56 5.83 2.76 -9.46
N SER A 57 6.14 1.46 -9.39
CA SER A 57 7.06 0.72 -10.26
C SER A 57 8.49 1.20 -10.00
N GLY A 58 8.91 2.36 -10.50
CA GLY A 58 10.19 2.99 -10.17
C GLY A 58 11.04 3.27 -11.40
N PRO A 59 12.17 3.97 -11.22
CA PRO A 59 13.05 4.39 -12.31
C PRO A 59 13.99 3.25 -12.75
N SER A 60 13.45 2.14 -13.25
CA SER A 60 14.24 1.04 -13.79
C SER A 60 14.62 1.39 -15.22
N SER A 61 15.84 1.91 -15.45
CA SER A 61 16.40 2.27 -16.75
C SER A 61 15.60 3.42 -17.36
N GLY A 62 15.93 4.66 -17.00
CA GLY A 62 15.48 5.84 -17.71
C GLY A 62 16.53 6.17 -18.74
N GLY A 1 -7.53 10.25 -14.03
CA GLY A 1 -7.57 8.79 -14.16
C GLY A 1 -6.17 8.24 -14.31
N SER A 2 -5.68 8.12 -15.55
CA SER A 2 -4.34 7.76 -15.97
C SER A 2 -3.69 6.66 -15.12
N SER A 3 -3.83 5.43 -15.60
CA SER A 3 -3.24 4.22 -15.04
C SER A 3 -3.80 3.95 -13.66
N GLY A 4 -4.96 3.31 -13.61
CA GLY A 4 -5.49 2.74 -12.38
C GLY A 4 -4.90 1.35 -12.14
N SER A 5 -5.05 0.83 -10.92
CA SER A 5 -4.33 -0.36 -10.47
C SER A 5 -5.28 -1.25 -9.66
N SER A 6 -6.39 -1.69 -10.24
CA SER A 6 -7.33 -2.59 -9.56
C SER A 6 -6.63 -3.87 -9.08
N GLY A 7 -7.26 -4.57 -8.15
CA GLY A 7 -6.87 -5.89 -7.70
C GLY A 7 -8.06 -6.59 -7.07
N ARG A 8 -7.88 -7.80 -6.55
CA ARG A 8 -8.92 -8.58 -5.87
C ARG A 8 -8.40 -9.12 -4.55
N LYS A 9 -7.19 -9.67 -4.53
CA LYS A 9 -6.59 -10.35 -3.39
C LYS A 9 -5.15 -9.87 -3.27
N ASP A 10 -4.71 -9.71 -2.03
CA ASP A 10 -3.46 -9.08 -1.58
C ASP A 10 -3.54 -7.59 -1.93
N PHE A 11 -3.76 -6.75 -0.92
CA PHE A 11 -3.97 -5.32 -1.05
C PHE A 11 -5.30 -5.00 -1.76
N THR A 12 -6.39 -4.89 -0.98
CA THR A 12 -7.69 -4.47 -1.50
C THR A 12 -7.64 -3.02 -1.99
N LYS A 13 -8.51 -2.61 -2.92
CA LYS A 13 -8.59 -1.21 -3.36
C LYS A 13 -8.77 -0.26 -2.16
N GLU A 14 -9.52 -0.68 -1.15
CA GLU A 14 -9.74 0.03 0.10
C GLU A 14 -8.41 0.21 0.84
N GLU A 15 -7.62 -0.85 1.05
CA GLU A 15 -6.32 -0.71 1.70
C GLU A 15 -5.37 0.17 0.85
N VAL A 16 -5.51 0.22 -0.49
CA VAL A 16 -4.63 1.04 -1.34
C VAL A 16 -4.92 2.52 -1.10
N ASN A 17 -6.19 2.87 -0.86
CA ASN A 17 -6.57 4.21 -0.40
C ASN A 17 -5.69 4.56 0.78
N TYR A 18 -5.78 3.77 1.86
CA TYR A 18 -5.07 4.01 3.11
C TYR A 18 -3.56 4.00 2.94
N LEU A 19 -3.05 3.21 2.00
CA LEU A 19 -1.64 3.18 1.70
C LEU A 19 -1.19 4.58 1.26
N PHE A 20 -1.75 5.10 0.16
CA PHE A 20 -1.39 6.40 -0.38
C PHE A 20 -1.75 7.52 0.61
N HIS A 21 -2.97 7.47 1.13
CA HIS A 21 -3.52 8.44 2.07
C HIS A 21 -2.60 8.57 3.28
N GLY A 22 -2.07 7.45 3.78
CA GLY A 22 -1.13 7.39 4.87
C GLY A 22 0.19 8.02 4.50
N VAL A 23 0.85 7.57 3.43
CA VAL A 23 2.16 8.06 3.05
C VAL A 23 2.15 9.59 2.84
N LYS A 24 1.05 10.17 2.37
CA LYS A 24 1.03 11.61 2.07
C LYS A 24 1.33 12.42 3.32
N THR A 25 0.74 12.02 4.44
CA THR A 25 0.77 12.77 5.68
C THR A 25 1.92 12.24 6.57
N MET A 26 2.06 10.92 6.69
CA MET A 26 3.07 10.26 7.50
C MET A 26 4.47 10.42 6.92
N GLY A 27 4.59 10.63 5.62
CA GLY A 27 5.76 10.22 4.88
C GLY A 27 5.89 8.70 4.92
N ASN A 28 7.08 8.20 4.64
CA ASN A 28 7.31 6.77 4.36
C ASN A 28 7.22 5.86 5.59
N HIS A 29 6.79 6.32 6.76
CA HIS A 29 6.79 5.50 7.97
C HIS A 29 5.73 4.40 7.86
N TRP A 30 6.19 3.21 7.47
CA TRP A 30 5.32 2.06 7.22
C TRP A 30 4.77 1.51 8.52
N ASN A 31 5.59 1.45 9.57
CA ASN A 31 5.20 0.93 10.88
C ASN A 31 4.00 1.72 11.42
N SER A 32 4.07 3.06 11.33
CA SER A 32 2.97 3.94 11.66
C SER A 32 1.73 3.54 10.86
N ILE A 33 1.77 3.60 9.53
CA ILE A 33 0.66 3.36 8.61
C ILE A 33 -0.02 2.02 8.92
N LEU A 34 0.78 0.95 9.07
CA LEU A 34 0.27 -0.40 9.23
C LEU A 34 -0.61 -0.54 10.47
N TRP A 35 -0.43 0.35 11.44
CA TRP A 35 -1.25 0.41 12.64
C TRP A 35 -2.28 1.53 12.54
N SER A 36 -1.91 2.70 12.02
CA SER A 36 -2.78 3.87 11.95
C SER A 36 -4.01 3.70 11.05
N PHE A 37 -4.02 2.67 10.19
CA PHE A 37 -5.10 2.37 9.26
C PHE A 37 -5.39 0.86 9.34
N PRO A 38 -6.61 0.40 8.99
CA PRO A 38 -6.97 -1.00 9.07
C PRO A 38 -6.45 -1.73 7.84
N PHE A 39 -5.45 -2.60 8.03
CA PHE A 39 -4.93 -3.52 7.01
C PHE A 39 -5.14 -4.96 7.49
N GLN A 40 -5.14 -5.91 6.55
CA GLN A 40 -5.36 -7.33 6.82
C GLN A 40 -4.41 -7.87 7.89
N LYS A 41 -4.91 -8.83 8.68
CA LYS A 41 -4.17 -9.53 9.70
C LYS A 41 -3.03 -10.27 8.98
N GLY A 42 -1.82 -10.17 9.51
CA GLY A 42 -0.67 -10.89 8.97
C GLY A 42 0.13 -10.06 7.98
N ARG A 43 -0.36 -8.88 7.58
CA ARG A 43 0.49 -7.88 6.95
C ARG A 43 1.57 -7.47 7.95
N ARG A 44 2.70 -7.02 7.41
CA ARG A 44 3.76 -6.34 8.16
C ARG A 44 4.01 -5.01 7.46
N ALA A 45 4.87 -4.18 8.05
CA ALA A 45 5.23 -2.90 7.45
C ALA A 45 5.85 -3.11 6.05
N VAL A 46 6.58 -4.21 5.84
CA VAL A 46 7.23 -4.51 4.57
C VAL A 46 6.24 -4.72 3.44
N ASP A 47 5.08 -5.28 3.76
CA ASP A 47 4.03 -5.55 2.78
C ASP A 47 3.63 -4.24 2.12
N LEU A 48 3.52 -3.16 2.92
CA LEU A 48 3.18 -1.81 2.48
C LEU A 48 4.27 -1.30 1.53
N ALA A 49 5.53 -1.38 1.97
CA ALA A 49 6.69 -0.90 1.24
C ALA A 49 6.74 -1.60 -0.11
N HIS A 50 6.51 -2.93 -0.09
CA HIS A 50 6.60 -3.79 -1.24
C HIS A 50 5.55 -3.41 -2.28
N LYS A 51 4.28 -3.34 -1.86
CA LYS A 51 3.17 -3.02 -2.74
C LYS A 51 3.33 -1.64 -3.33
N TYR A 52 3.70 -0.64 -2.53
CA TYR A 52 3.87 0.74 -2.94
C TYR A 52 4.88 0.83 -4.08
N HIS A 53 6.08 0.29 -3.89
CA HIS A 53 7.11 0.26 -4.93
C HIS A 53 6.53 -0.35 -6.21
N ARG A 54 5.87 -1.51 -6.10
CA ARG A 54 5.21 -2.19 -7.19
C ARG A 54 4.17 -1.29 -7.85
N LEU A 55 3.33 -0.61 -7.07
CA LEU A 55 2.26 0.25 -7.58
C LEU A 55 2.83 1.40 -8.39
N ILE A 56 3.72 2.20 -7.78
CA ILE A 56 4.37 3.30 -8.50
C ILE A 56 5.25 2.77 -9.65
N SER A 57 5.52 1.47 -9.68
CA SER A 57 6.11 0.73 -10.79
C SER A 57 7.58 1.12 -11.02
N GLY A 58 8.24 1.72 -10.03
CA GLY A 58 9.62 2.16 -10.11
C GLY A 58 10.59 0.98 -10.24
N PRO A 59 11.85 1.24 -10.61
CA PRO A 59 12.89 0.21 -10.68
C PRO A 59 13.28 -0.33 -9.28
N SER A 60 14.14 -1.35 -9.29
CA SER A 60 15.03 -1.78 -8.23
C SER A 60 14.54 -1.46 -6.82
N SER A 61 13.52 -2.17 -6.34
CA SER A 61 12.93 -1.98 -5.01
C SER A 61 14.02 -2.09 -3.93
N GLY A 62 14.85 -3.12 -4.00
CA GLY A 62 15.98 -3.38 -3.12
C GLY A 62 16.37 -4.81 -3.38
N GLY A 1 -2.25 15.17 -3.61
CA GLY A 1 -3.37 14.28 -3.92
C GLY A 1 -3.23 13.73 -5.32
N SER A 2 -3.26 12.41 -5.47
CA SER A 2 -3.16 11.69 -6.73
C SER A 2 -4.31 10.69 -6.83
N SER A 3 -4.79 10.41 -8.04
CA SER A 3 -5.71 9.33 -8.31
C SER A 3 -4.98 8.00 -8.07
N GLY A 4 -5.74 6.97 -7.69
CA GLY A 4 -5.29 5.59 -7.53
C GLY A 4 -6.41 4.71 -8.07
N SER A 5 -7.43 4.45 -7.25
CA SER A 5 -8.63 3.70 -7.61
C SER A 5 -8.30 2.25 -8.01
N SER A 6 -7.19 1.71 -7.51
CA SER A 6 -6.72 0.37 -7.82
C SER A 6 -6.57 -0.46 -6.54
N GLY A 7 -6.27 -1.74 -6.72
CA GLY A 7 -6.39 -2.86 -5.80
C GLY A 7 -6.25 -4.12 -6.65
N ARG A 8 -6.59 -5.29 -6.09
CA ARG A 8 -6.38 -6.64 -6.63
C ARG A 8 -4.90 -7.01 -6.49
N LYS A 9 -4.59 -8.31 -6.47
CA LYS A 9 -3.28 -8.91 -6.26
C LYS A 9 -2.55 -8.22 -5.12
N ASP A 10 -2.86 -8.71 -3.91
CA ASP A 10 -2.48 -8.12 -2.62
C ASP A 10 -3.02 -6.72 -2.52
N PHE A 11 -4.11 -6.57 -1.75
CA PHE A 11 -4.76 -5.35 -1.25
C PHE A 11 -6.03 -5.16 -2.08
N THR A 12 -7.15 -4.88 -1.42
CA THR A 12 -8.32 -4.36 -2.10
C THR A 12 -8.16 -2.83 -2.22
N LYS A 13 -9.12 -2.15 -2.85
CA LYS A 13 -9.06 -0.70 -3.03
C LYS A 13 -8.89 0.02 -1.70
N GLU A 14 -9.49 -0.49 -0.62
CA GLU A 14 -9.37 0.10 0.71
C GLU A 14 -7.92 0.16 1.19
N GLU A 15 -7.21 -0.96 1.27
CA GLU A 15 -5.83 -0.91 1.74
C GLU A 15 -4.97 -0.01 0.86
N VAL A 16 -5.16 -0.07 -0.46
CA VAL A 16 -4.45 0.84 -1.37
C VAL A 16 -4.78 2.31 -1.08
N ASN A 17 -6.05 2.63 -0.79
CA ASN A 17 -6.45 3.96 -0.36
C ASN A 17 -5.63 4.34 0.87
N TYR A 18 -5.63 3.48 1.90
CA TYR A 18 -4.92 3.70 3.15
C TYR A 18 -3.42 3.82 2.93
N LEU A 19 -2.88 3.10 1.95
CA LEU A 19 -1.49 3.15 1.57
C LEU A 19 -1.17 4.58 1.12
N PHE A 20 -1.90 5.08 0.13
CA PHE A 20 -1.68 6.41 -0.39
C PHE A 20 -1.97 7.48 0.66
N HIS A 21 -3.06 7.35 1.43
CA HIS A 21 -3.44 8.25 2.50
C HIS A 21 -2.29 8.36 3.50
N GLY A 22 -1.82 7.22 4.01
CA GLY A 22 -0.71 7.10 4.94
C GLY A 22 0.54 7.77 4.39
N VAL A 23 1.03 7.31 3.23
CA VAL A 23 2.26 7.84 2.63
C VAL A 23 2.13 9.34 2.31
N LYS A 24 0.91 9.87 2.15
CA LYS A 24 0.70 11.29 1.90
C LYS A 24 0.91 12.07 3.18
N THR A 25 0.37 11.60 4.31
CA THR A 25 0.30 12.37 5.55
C THR A 25 1.46 12.06 6.48
N MET A 26 2.19 10.96 6.27
CA MET A 26 3.29 10.51 7.13
C MET A 26 4.57 10.27 6.34
N GLY A 27 4.53 10.28 5.01
CA GLY A 27 5.63 9.81 4.19
C GLY A 27 5.89 8.33 4.45
N ASN A 28 7.12 7.90 4.25
CA ASN A 28 7.54 6.51 4.14
C ASN A 28 7.53 5.74 5.48
N HIS A 29 6.83 6.21 6.52
CA HIS A 29 6.75 5.49 7.79
C HIS A 29 5.81 4.29 7.65
N TRP A 30 6.35 3.10 7.40
CA TRP A 30 5.52 1.95 7.07
C TRP A 30 4.80 1.40 8.29
N ASN A 31 5.51 1.25 9.42
CA ASN A 31 4.92 0.64 10.62
C ASN A 31 3.76 1.50 11.10
N SER A 32 3.98 2.81 11.18
CA SER A 32 2.96 3.78 11.55
C SER A 32 1.73 3.65 10.64
N ILE A 33 1.89 3.55 9.32
CA ILE A 33 0.78 3.37 8.37
C ILE A 33 0.01 2.10 8.69
N LEU A 34 0.71 0.99 8.92
CA LEU A 34 0.13 -0.31 9.20
C LEU A 34 -0.85 -0.27 10.37
N TRP A 35 -0.70 0.71 11.27
CA TRP A 35 -1.52 0.86 12.46
C TRP A 35 -2.46 2.06 12.32
N SER A 36 -2.03 3.10 11.60
CA SER A 36 -2.80 4.31 11.36
C SER A 36 -4.14 4.03 10.67
N PHE A 37 -4.26 2.89 9.97
CA PHE A 37 -5.41 2.48 9.22
C PHE A 37 -5.64 0.99 9.47
N PRO A 38 -6.86 0.47 9.27
CA PRO A 38 -7.10 -0.94 9.46
C PRO A 38 -6.65 -1.68 8.20
N PHE A 39 -5.55 -2.44 8.29
CA PHE A 39 -5.06 -3.25 7.18
C PHE A 39 -5.45 -4.71 7.43
N GLN A 40 -5.35 -5.55 6.40
CA GLN A 40 -5.53 -7.00 6.51
C GLN A 40 -4.59 -7.53 7.60
N LYS A 41 -5.04 -8.51 8.38
CA LYS A 41 -4.22 -9.08 9.43
C LYS A 41 -3.09 -9.91 8.83
N GLY A 42 -2.05 -10.11 9.63
CA GLY A 42 -0.84 -10.79 9.21
C GLY A 42 0.03 -9.97 8.26
N ARG A 43 -0.38 -8.76 7.84
CA ARG A 43 0.49 -7.94 7.00
C ARG A 43 1.72 -7.54 7.77
N ARG A 44 2.85 -7.54 7.08
CA ARG A 44 4.09 -6.97 7.58
C ARG A 44 4.05 -5.48 7.32
N ALA A 45 4.86 -4.68 8.03
CA ALA A 45 5.08 -3.29 7.62
C ALA A 45 5.64 -3.25 6.18
N VAL A 46 6.54 -4.18 5.84
CA VAL A 46 7.20 -4.21 4.54
C VAL A 46 6.22 -4.49 3.42
N ASP A 47 5.09 -5.12 3.70
CA ASP A 47 4.09 -5.44 2.68
C ASP A 47 3.57 -4.15 2.07
N LEU A 48 3.52 -3.07 2.86
CA LEU A 48 3.15 -1.73 2.44
C LEU A 48 4.22 -1.17 1.54
N ALA A 49 5.48 -1.24 1.94
CA ALA A 49 6.62 -0.75 1.19
C ALA A 49 6.73 -1.51 -0.14
N HIS A 50 6.50 -2.82 -0.07
CA HIS A 50 6.52 -3.72 -1.20
C HIS A 50 5.37 -3.39 -2.16
N LYS A 51 4.16 -3.18 -1.63
CA LYS A 51 3.02 -2.80 -2.44
C LYS A 51 3.33 -1.46 -3.11
N TYR A 52 3.83 -0.50 -2.34
CA TYR A 52 4.15 0.83 -2.80
C TYR A 52 5.16 0.79 -3.94
N HIS A 53 6.20 -0.03 -3.82
CA HIS A 53 7.13 -0.26 -4.92
C HIS A 53 6.37 -0.65 -6.20
N ARG A 54 5.32 -1.47 -6.14
CA ARG A 54 4.51 -1.81 -7.33
C ARG A 54 3.48 -0.73 -7.68
N LEU A 55 3.10 0.13 -6.73
CA LEU A 55 2.29 1.31 -7.00
C LEU A 55 3.12 2.41 -7.68
N ILE A 56 4.45 2.30 -7.74
CA ILE A 56 5.32 3.16 -8.55
C ILE A 56 5.93 2.38 -9.74
N SER A 57 6.07 1.05 -9.64
CA SER A 57 6.46 0.13 -10.70
C SER A 57 5.22 -0.64 -11.17
N GLY A 58 4.32 0.05 -11.89
CA GLY A 58 3.20 -0.57 -12.59
C GLY A 58 3.40 -0.39 -14.11
N PRO A 59 2.85 -1.27 -14.96
CA PRO A 59 3.08 -1.19 -16.40
C PRO A 59 2.22 -0.14 -17.10
N SER A 60 1.40 0.64 -16.38
CA SER A 60 0.55 1.66 -16.96
C SER A 60 0.37 2.78 -15.95
N SER A 61 0.31 4.00 -16.46
CA SER A 61 -0.03 5.23 -15.77
C SER A 61 -0.57 6.19 -16.83
N GLY A 62 -1.83 5.99 -17.23
CA GLY A 62 -2.46 6.78 -18.27
C GLY A 62 -1.68 6.72 -19.57
N GLY A 1 -3.09 4.60 -19.39
CA GLY A 1 -4.15 5.46 -18.84
C GLY A 1 -3.64 6.27 -17.65
N SER A 2 -4.46 6.34 -16.60
CA SER A 2 -4.27 7.22 -15.46
C SER A 2 -4.82 6.54 -14.21
N SER A 3 -4.90 7.26 -13.10
CA SER A 3 -5.48 6.84 -11.83
C SER A 3 -4.94 5.48 -11.38
N GLY A 4 -5.63 4.37 -11.64
CA GLY A 4 -5.11 3.02 -11.42
C GLY A 4 -5.99 2.26 -10.45
N SER A 5 -5.49 2.07 -9.21
CA SER A 5 -6.06 1.32 -8.10
C SER A 5 -6.96 0.20 -8.58
N SER A 6 -6.38 -0.93 -8.94
CA SER A 6 -7.12 -2.11 -9.35
C SER A 6 -6.23 -3.34 -9.14
N GLY A 7 -6.73 -4.43 -8.55
CA GLY A 7 -5.93 -5.62 -8.35
C GLY A 7 -6.73 -6.78 -7.76
N ARG A 8 -6.19 -8.00 -7.82
CA ARG A 8 -6.84 -9.18 -7.28
C ARG A 8 -5.79 -10.09 -6.66
N LYS A 9 -5.18 -9.65 -5.56
CA LYS A 9 -4.03 -10.34 -4.97
C LYS A 9 -4.16 -10.35 -3.46
N ASP A 10 -4.00 -9.20 -2.82
CA ASP A 10 -3.94 -9.09 -1.38
C ASP A 10 -4.62 -7.81 -0.98
N PHE A 11 -3.93 -6.68 -1.11
CA PHE A 11 -4.40 -5.35 -0.74
C PHE A 11 -5.74 -5.10 -1.43
N THR A 12 -6.81 -4.99 -0.67
CA THR A 12 -8.09 -4.59 -1.24
C THR A 12 -8.02 -3.09 -1.58
N LYS A 13 -9.02 -2.58 -2.31
CA LYS A 13 -9.11 -1.18 -2.71
C LYS A 13 -8.97 -0.22 -1.54
N GLU A 14 -9.59 -0.58 -0.40
CA GLU A 14 -9.59 0.20 0.83
C GLU A 14 -8.14 0.43 1.24
N GLU A 15 -7.36 -0.67 1.29
CA GLU A 15 -5.99 -0.67 1.76
C GLU A 15 -5.06 0.05 0.80
N VAL A 16 -5.40 0.13 -0.49
CA VAL A 16 -4.63 0.92 -1.44
C VAL A 16 -4.91 2.40 -1.20
N ASN A 17 -6.16 2.77 -0.96
CA ASN A 17 -6.50 4.13 -0.56
C ASN A 17 -5.76 4.49 0.72
N TYR A 18 -5.79 3.63 1.74
CA TYR A 18 -5.08 3.83 3.00
C TYR A 18 -3.58 3.94 2.79
N LEU A 19 -3.01 3.20 1.84
CA LEU A 19 -1.61 3.29 1.51
C LEU A 19 -1.28 4.72 1.08
N PHE A 20 -2.01 5.24 0.09
CA PHE A 20 -1.78 6.57 -0.44
C PHE A 20 -2.21 7.68 0.53
N HIS A 21 -3.15 7.44 1.44
CA HIS A 21 -3.48 8.34 2.52
C HIS A 21 -2.27 8.43 3.44
N GLY A 22 -1.81 7.29 3.93
CA GLY A 22 -0.70 7.13 4.85
C GLY A 22 0.53 7.84 4.33
N VAL A 23 1.06 7.43 3.18
CA VAL A 23 2.32 7.97 2.68
C VAL A 23 2.22 9.48 2.41
N LYS A 24 1.02 10.01 2.14
CA LYS A 24 0.81 11.44 1.92
C LYS A 24 1.00 12.19 3.23
N THR A 25 0.40 11.71 4.32
CA THR A 25 0.30 12.47 5.56
C THR A 25 1.43 12.11 6.53
N MET A 26 2.07 10.95 6.36
CA MET A 26 3.05 10.41 7.29
C MET A 26 4.38 10.12 6.60
N GLY A 27 4.47 10.21 5.28
CA GLY A 27 5.65 9.81 4.56
C GLY A 27 5.90 8.31 4.70
N ASN A 28 7.16 7.90 4.59
CA ASN A 28 7.55 6.51 4.40
C ASN A 28 7.42 5.66 5.69
N HIS A 29 6.71 6.11 6.74
CA HIS A 29 6.69 5.36 7.99
C HIS A 29 5.71 4.20 7.81
N TRP A 30 6.25 3.03 7.50
CA TRP A 30 5.45 1.86 7.18
C TRP A 30 4.88 1.24 8.44
N ASN A 31 5.69 1.15 9.50
CA ASN A 31 5.28 0.60 10.78
C ASN A 31 4.11 1.41 11.32
N SER A 32 4.18 2.73 11.20
CA SER A 32 3.10 3.66 11.53
C SER A 32 1.84 3.40 10.69
N ILE A 33 1.94 3.40 9.36
CA ILE A 33 0.81 3.26 8.42
C ILE A 33 0.03 1.98 8.70
N LEU A 34 0.72 0.86 8.94
CA LEU A 34 0.07 -0.44 9.13
C LEU A 34 -0.88 -0.48 10.34
N TRP A 35 -0.78 0.51 11.23
CA TRP A 35 -1.67 0.69 12.37
C TRP A 35 -2.56 1.92 12.19
N SER A 36 -2.09 2.94 11.46
CA SER A 36 -2.82 4.18 11.23
C SER A 36 -4.16 3.94 10.50
N PHE A 37 -4.32 2.78 9.85
CA PHE A 37 -5.49 2.44 9.06
C PHE A 37 -5.76 0.94 9.24
N PRO A 38 -6.98 0.45 9.00
CA PRO A 38 -7.28 -0.96 9.11
C PRO A 38 -6.70 -1.69 7.89
N PHE A 39 -5.66 -2.49 8.12
CA PHE A 39 -5.03 -3.37 7.14
C PHE A 39 -5.26 -4.83 7.54
N GLN A 40 -5.00 -5.75 6.61
CA GLN A 40 -5.21 -7.19 6.77
C GLN A 40 -4.44 -7.70 7.98
N LYS A 41 -4.97 -8.76 8.56
CA LYS A 41 -4.45 -9.38 9.76
C LYS A 41 -3.15 -10.08 9.40
N GLY A 42 -2.15 -10.04 10.28
CA GLY A 42 -0.88 -10.69 10.02
C GLY A 42 -0.05 -10.04 8.90
N ARG A 43 -0.43 -8.87 8.37
CA ARG A 43 0.45 -8.12 7.47
C ARG A 43 1.69 -7.67 8.23
N ARG A 44 2.72 -7.25 7.50
CA ARG A 44 3.93 -6.66 8.03
C ARG A 44 4.08 -5.26 7.46
N ALA A 45 4.86 -4.40 8.11
CA ALA A 45 5.17 -3.08 7.59
C ALA A 45 5.73 -3.16 6.17
N VAL A 46 6.57 -4.16 5.89
CA VAL A 46 7.25 -4.32 4.61
C VAL A 46 6.27 -4.56 3.47
N ASP A 47 5.11 -5.14 3.78
CA ASP A 47 4.11 -5.47 2.78
C ASP A 47 3.62 -4.19 2.10
N LEU A 48 3.55 -3.10 2.88
CA LEU A 48 3.20 -1.75 2.43
C LEU A 48 4.29 -1.21 1.52
N ALA A 49 5.55 -1.36 1.92
CA ALA A 49 6.71 -0.88 1.18
C ALA A 49 6.73 -1.58 -0.17
N HIS A 50 6.65 -2.91 -0.14
CA HIS A 50 6.61 -3.76 -1.31
C HIS A 50 5.46 -3.35 -2.24
N LYS A 51 4.25 -3.17 -1.70
CA LYS A 51 3.11 -2.75 -2.49
C LYS A 51 3.34 -1.38 -3.12
N TYR A 52 3.79 -0.43 -2.34
CA TYR A 52 4.09 0.93 -2.74
C TYR A 52 5.09 0.94 -3.90
N HIS A 53 6.16 0.15 -3.78
CA HIS A 53 7.13 -0.08 -4.85
C HIS A 53 6.38 -0.55 -6.10
N ARG A 54 5.59 -1.62 -5.99
CA ARG A 54 4.78 -2.10 -7.11
C ARG A 54 3.88 -1.01 -7.69
N LEU A 55 3.29 -0.16 -6.84
CA LEU A 55 2.40 0.91 -7.28
C LEU A 55 3.16 2.00 -8.03
N ILE A 56 4.38 2.38 -7.64
CA ILE A 56 5.19 3.31 -8.43
C ILE A 56 5.73 2.64 -9.71
N SER A 57 5.79 1.31 -9.77
CA SER A 57 6.27 0.54 -10.93
C SER A 57 7.77 0.80 -11.23
N GLY A 58 8.47 1.52 -10.36
CA GLY A 58 9.86 1.90 -10.52
C GLY A 58 10.82 0.79 -10.08
N PRO A 59 12.13 1.07 -10.15
CA PRO A 59 13.17 0.10 -9.81
C PRO A 59 13.16 -0.23 -8.31
N SER A 60 13.97 -1.23 -7.95
CA SER A 60 14.07 -1.91 -6.67
C SER A 60 13.01 -3.01 -6.70
N SER A 61 13.44 -4.23 -6.99
CA SER A 61 12.60 -5.41 -7.21
C SER A 61 11.60 -5.22 -8.37
N GLY A 62 11.85 -4.27 -9.27
CA GLY A 62 10.97 -3.91 -10.39
C GLY A 62 11.75 -3.69 -11.65
N GLY A 1 -2.35 8.77 -10.04
CA GLY A 1 -2.67 7.77 -11.07
C GLY A 1 -4.17 7.68 -11.24
N SER A 2 -4.61 7.20 -12.41
CA SER A 2 -6.03 7.00 -12.72
C SER A 2 -6.30 5.60 -13.28
N SER A 3 -5.27 4.80 -13.51
CA SER A 3 -5.37 3.45 -14.06
C SER A 3 -4.26 2.64 -13.38
N GLY A 4 -4.55 1.39 -12.99
CA GLY A 4 -3.65 0.61 -12.17
C GLY A 4 -3.96 -0.87 -12.23
N SER A 5 -3.88 -1.46 -13.42
CA SER A 5 -4.08 -2.88 -13.68
C SER A 5 -3.09 -3.73 -12.86
N SER A 6 -3.58 -4.39 -11.80
CA SER A 6 -2.91 -5.41 -11.00
C SER A 6 -4.01 -6.29 -10.39
N GLY A 7 -3.64 -7.43 -9.79
CA GLY A 7 -4.56 -8.31 -9.10
C GLY A 7 -4.88 -7.79 -7.71
N ARG A 8 -6.03 -8.22 -7.18
CA ARG A 8 -6.67 -7.75 -5.95
C ARG A 8 -6.38 -8.67 -4.76
N LYS A 9 -5.81 -9.84 -5.00
CA LYS A 9 -5.36 -10.76 -3.96
C LYS A 9 -3.99 -10.31 -3.50
N ASP A 10 -3.93 -9.73 -2.30
CA ASP A 10 -2.79 -9.31 -1.47
C ASP A 10 -2.97 -7.88 -0.99
N PHE A 11 -3.49 -6.99 -1.85
CA PHE A 11 -3.98 -5.67 -1.52
C PHE A 11 -5.22 -5.43 -2.37
N THR A 12 -6.28 -4.93 -1.75
CA THR A 12 -7.54 -4.62 -2.41
C THR A 12 -7.46 -3.23 -3.06
N LYS A 13 -8.60 -2.66 -3.49
CA LYS A 13 -8.63 -1.22 -3.71
C LYS A 13 -8.67 -0.44 -2.40
N GLU A 14 -9.15 -1.04 -1.31
CA GLU A 14 -9.36 -0.30 -0.06
C GLU A 14 -8.03 -0.10 0.64
N GLU A 15 -7.25 -1.17 0.78
CA GLU A 15 -5.97 -1.09 1.47
C GLU A 15 -5.07 -0.09 0.72
N VAL A 16 -5.08 -0.12 -0.61
CA VAL A 16 -4.34 0.80 -1.47
C VAL A 16 -4.76 2.24 -1.20
N ASN A 17 -6.05 2.47 -0.96
CA ASN A 17 -6.60 3.78 -0.63
C ASN A 17 -5.87 4.31 0.61
N TYR A 18 -5.86 3.53 1.69
CA TYR A 18 -5.17 3.88 2.94
C TYR A 18 -3.66 3.95 2.78
N LEU A 19 -3.09 3.21 1.83
CA LEU A 19 -1.67 3.24 1.54
C LEU A 19 -1.30 4.65 1.05
N PHE A 20 -2.02 5.17 0.04
CA PHE A 20 -1.85 6.55 -0.39
C PHE A 20 -2.13 7.51 0.77
N HIS A 21 -3.23 7.27 1.50
CA HIS A 21 -3.67 8.10 2.62
C HIS A 21 -2.53 8.34 3.61
N GLY A 22 -1.90 7.27 4.08
CA GLY A 22 -0.80 7.31 5.02
C GLY A 22 0.42 7.98 4.42
N VAL A 23 0.95 7.45 3.31
CA VAL A 23 2.22 7.92 2.73
C VAL A 23 2.15 9.42 2.41
N LYS A 24 0.96 9.98 2.18
CA LYS A 24 0.76 11.39 1.87
C LYS A 24 1.30 12.26 3.00
N THR A 25 0.97 11.90 4.23
CA THR A 25 1.36 12.61 5.43
C THR A 25 2.62 12.00 6.09
N MET A 26 2.95 10.72 5.82
CA MET A 26 3.93 9.95 6.60
C MET A 26 5.16 9.52 5.79
N GLY A 27 5.20 9.84 4.50
CA GLY A 27 6.28 9.43 3.60
C GLY A 27 6.50 7.93 3.72
N ASN A 28 7.65 7.52 4.24
CA ASN A 28 8.10 6.13 4.19
C ASN A 28 7.95 5.42 5.54
N HIS A 29 7.30 6.00 6.55
CA HIS A 29 7.13 5.30 7.82
C HIS A 29 6.03 4.23 7.66
N TRP A 30 6.45 3.00 7.40
CA TRP A 30 5.53 1.92 7.06
C TRP A 30 4.88 1.38 8.32
N ASN A 31 5.66 1.15 9.38
CA ASN A 31 5.12 0.58 10.61
C ASN A 31 4.05 1.48 11.20
N SER A 32 4.29 2.80 11.18
CA SER A 32 3.31 3.79 11.62
C SER A 32 2.00 3.64 10.83
N ILE A 33 2.06 3.66 9.49
CA ILE A 33 0.89 3.50 8.61
C ILE A 33 0.13 2.23 8.95
N LEU A 34 0.85 1.13 9.16
CA LEU A 34 0.25 -0.18 9.40
C LEU A 34 -0.64 -0.18 10.64
N TRP A 35 -0.34 0.66 11.64
CA TRP A 35 -1.21 0.88 12.78
C TRP A 35 -2.23 1.99 12.48
N SER A 36 -1.84 3.01 11.73
CA SER A 36 -2.62 4.22 11.48
C SER A 36 -3.97 3.94 10.80
N PHE A 37 -4.06 2.90 9.97
CA PHE A 37 -5.23 2.63 9.13
C PHE A 37 -5.58 1.14 9.22
N PRO A 38 -6.83 0.75 8.96
CA PRO A 38 -7.24 -0.65 9.11
C PRO A 38 -6.82 -1.44 7.88
N PHE A 39 -5.82 -2.32 8.07
CA PHE A 39 -5.26 -3.14 7.02
C PHE A 39 -5.65 -4.61 7.22
N GLN A 40 -5.23 -5.44 6.25
CA GLN A 40 -5.47 -6.87 6.25
C GLN A 40 -4.91 -7.52 7.51
N LYS A 41 -5.47 -8.68 7.87
CA LYS A 41 -5.15 -9.32 9.14
C LYS A 41 -3.74 -9.90 9.04
N GLY A 42 -2.84 -9.48 9.93
CA GLY A 42 -1.53 -10.09 10.09
C GLY A 42 -0.51 -9.65 9.05
N ARG A 43 -0.73 -8.48 8.42
CA ARG A 43 0.25 -7.85 7.55
C ARG A 43 1.56 -7.58 8.27
N ARG A 44 2.60 -7.33 7.48
CA ARG A 44 3.83 -6.71 7.93
C ARG A 44 3.86 -5.25 7.50
N ALA A 45 4.80 -4.47 8.04
CA ALA A 45 5.09 -3.15 7.51
C ALA A 45 5.67 -3.29 6.10
N VAL A 46 6.44 -4.36 5.83
CA VAL A 46 7.04 -4.58 4.52
C VAL A 46 6.00 -4.76 3.43
N ASP A 47 4.83 -5.28 3.77
CA ASP A 47 3.73 -5.43 2.82
C ASP A 47 3.40 -4.08 2.20
N LEU A 48 3.37 -3.03 3.02
CA LEU A 48 3.07 -1.68 2.61
C LEU A 48 4.17 -1.15 1.71
N ALA A 49 5.42 -1.37 2.07
CA ALA A 49 6.58 -0.92 1.32
C ALA A 49 6.60 -1.61 -0.04
N HIS A 50 6.37 -2.93 -0.04
CA HIS A 50 6.34 -3.75 -1.22
C HIS A 50 5.22 -3.26 -2.14
N LYS A 51 3.99 -3.13 -1.63
CA LYS A 51 2.90 -2.64 -2.42
C LYS A 51 3.19 -1.24 -2.93
N TYR A 52 3.80 -0.37 -2.14
CA TYR A 52 4.09 0.99 -2.56
C TYR A 52 5.05 1.01 -3.73
N HIS A 53 6.12 0.22 -3.67
CA HIS A 53 7.00 0.02 -4.81
C HIS A 53 6.15 -0.38 -6.02
N ARG A 54 5.33 -1.44 -5.90
CA ARG A 54 4.44 -1.87 -6.98
C ARG A 54 3.55 -0.74 -7.49
N LEU A 55 3.00 0.08 -6.59
CA LEU A 55 2.09 1.15 -6.93
C LEU A 55 2.78 2.22 -7.76
N ILE A 56 4.05 2.55 -7.48
CA ILE A 56 4.80 3.49 -8.31
C ILE A 56 5.23 2.82 -9.62
N SER A 57 5.82 1.62 -9.57
CA SER A 57 6.27 0.86 -10.73
C SER A 57 6.34 -0.61 -10.35
N GLY A 58 5.80 -1.51 -11.18
CA GLY A 58 6.07 -2.94 -11.00
C GLY A 58 7.52 -3.26 -11.40
N PRO A 59 8.14 -4.29 -10.81
CA PRO A 59 9.52 -4.64 -11.08
C PRO A 59 9.70 -5.45 -12.37
N SER A 60 8.59 -5.97 -12.92
CA SER A 60 8.56 -6.99 -13.96
C SER A 60 7.38 -6.73 -14.92
N SER A 61 6.84 -5.51 -14.91
CA SER A 61 5.70 -5.09 -15.73
C SER A 61 6.09 -5.17 -17.20
N GLY A 62 7.14 -4.45 -17.56
CA GLY A 62 7.41 -3.93 -18.88
C GLY A 62 8.33 -2.79 -18.60
N GLY A 1 -10.38 12.49 -5.19
CA GLY A 1 -10.83 12.94 -6.51
C GLY A 1 -9.76 12.71 -7.56
N SER A 2 -10.16 12.57 -8.83
CA SER A 2 -9.32 12.30 -10.01
C SER A 2 -8.50 11.00 -10.00
N SER A 3 -8.01 10.52 -8.85
CA SER A 3 -7.05 9.44 -8.77
C SER A 3 -7.56 8.18 -9.44
N GLY A 4 -6.74 7.59 -10.30
CA GLY A 4 -7.07 6.45 -11.15
C GLY A 4 -6.64 5.11 -10.55
N SER A 5 -6.15 5.09 -9.30
CA SER A 5 -5.69 3.89 -8.62
C SER A 5 -6.80 2.84 -8.45
N SER A 6 -6.38 1.63 -8.11
CA SER A 6 -7.26 0.50 -7.82
C SER A 6 -6.48 -0.52 -6.99
N GLY A 7 -7.20 -1.47 -6.38
CA GLY A 7 -6.62 -2.61 -5.68
C GLY A 7 -7.41 -3.85 -6.03
N ARG A 8 -6.74 -4.98 -6.17
CA ARG A 8 -7.32 -6.30 -6.41
C ARG A 8 -6.25 -7.32 -6.04
N LYS A 9 -6.64 -8.59 -5.88
CA LYS A 9 -5.77 -9.66 -5.47
C LYS A 9 -5.12 -9.31 -4.13
N ASP A 10 -3.94 -8.71 -4.12
CA ASP A 10 -3.22 -8.33 -2.91
C ASP A 10 -3.40 -6.83 -2.70
N PHE A 11 -3.97 -6.49 -1.54
CA PHE A 11 -4.52 -5.20 -1.15
C PHE A 11 -5.82 -4.97 -1.92
N THR A 12 -6.94 -4.76 -1.24
CA THR A 12 -8.15 -4.32 -1.91
C THR A 12 -7.98 -2.84 -2.27
N LYS A 13 -8.93 -2.30 -3.03
CA LYS A 13 -9.02 -0.89 -3.34
C LYS A 13 -9.05 -0.01 -2.08
N GLU A 14 -9.41 -0.57 -0.92
CA GLU A 14 -9.51 0.15 0.35
C GLU A 14 -8.19 0.12 1.12
N GLU A 15 -7.39 -0.94 1.02
CA GLU A 15 -6.05 -0.90 1.59
C GLU A 15 -5.20 0.07 0.77
N VAL A 16 -5.33 0.02 -0.56
CA VAL A 16 -4.65 0.98 -1.44
C VAL A 16 -5.14 2.41 -1.15
N ASN A 17 -6.40 2.57 -0.70
CA ASN A 17 -6.88 3.85 -0.20
C ASN A 17 -6.00 4.32 0.95
N TYR A 18 -5.90 3.53 2.03
CA TYR A 18 -5.09 3.88 3.19
C TYR A 18 -3.62 4.04 2.86
N LEU A 19 -3.13 3.35 1.83
CA LEU A 19 -1.73 3.42 1.46
C LEU A 19 -1.39 4.82 0.96
N PHE A 20 -2.08 5.28 -0.09
CA PHE A 20 -1.86 6.62 -0.62
C PHE A 20 -2.33 7.70 0.35
N HIS A 21 -3.33 7.41 1.19
CA HIS A 21 -3.78 8.29 2.27
C HIS A 21 -2.66 8.46 3.29
N GLY A 22 -2.01 7.36 3.65
CA GLY A 22 -1.10 7.28 4.78
C GLY A 22 0.26 7.85 4.42
N VAL A 23 0.78 7.50 3.25
CA VAL A 23 2.05 8.04 2.75
C VAL A 23 1.93 9.56 2.55
N LYS A 24 0.73 10.11 2.30
CA LYS A 24 0.54 11.54 2.07
C LYS A 24 0.89 12.34 3.32
N THR A 25 0.64 11.78 4.50
CA THR A 25 0.96 12.41 5.77
C THR A 25 2.32 11.91 6.25
N MET A 26 2.46 10.61 6.49
CA MET A 26 3.62 10.05 7.20
C MET A 26 4.88 10.00 6.35
N GLY A 27 4.75 9.96 5.01
CA GLY A 27 5.83 9.50 4.16
C GLY A 27 6.00 7.98 4.31
N ASN A 28 7.23 7.51 4.10
CA ASN A 28 7.66 6.11 4.12
C ASN A 28 7.66 5.44 5.51
N HIS A 29 7.10 6.05 6.57
CA HIS A 29 6.99 5.36 7.85
C HIS A 29 5.92 4.27 7.74
N TRP A 30 6.35 3.04 7.49
CA TRP A 30 5.44 1.96 7.15
C TRP A 30 4.79 1.37 8.40
N ASN A 31 5.56 1.07 9.46
CA ASN A 31 5.01 0.56 10.72
C ASN A 31 3.92 1.49 11.24
N SER A 32 4.15 2.79 11.14
CA SER A 32 3.21 3.81 11.55
C SER A 32 1.90 3.66 10.79
N ILE A 33 1.92 3.62 9.45
CA ILE A 33 0.75 3.42 8.60
C ILE A 33 0.05 2.11 9.01
N LEU A 34 0.81 1.03 9.19
CA LEU A 34 0.29 -0.30 9.51
C LEU A 34 -0.48 -0.35 10.83
N TRP A 35 -0.35 0.66 11.67
CA TRP A 35 -1.13 0.82 12.90
C TRP A 35 -2.10 1.99 12.81
N SER A 36 -1.80 3.04 12.03
CA SER A 36 -2.67 4.19 11.89
C SER A 36 -4.01 3.83 11.24
N PHE A 37 -4.06 2.77 10.42
CA PHE A 37 -5.22 2.36 9.65
C PHE A 37 -5.43 0.86 9.76
N PRO A 38 -6.65 0.35 9.55
CA PRO A 38 -6.87 -1.08 9.44
C PRO A 38 -6.29 -1.56 8.10
N PHE A 39 -5.62 -2.70 8.12
CA PHE A 39 -5.18 -3.43 6.95
C PHE A 39 -5.59 -4.89 7.17
N GLN A 40 -5.20 -5.79 6.28
CA GLN A 40 -5.54 -7.21 6.39
C GLN A 40 -4.77 -7.87 7.55
N LYS A 41 -5.11 -9.12 7.87
CA LYS A 41 -4.34 -9.92 8.82
C LYS A 41 -2.98 -10.28 8.24
N GLY A 42 -2.07 -10.74 9.10
CA GLY A 42 -0.75 -11.26 8.76
C GLY A 42 0.20 -10.25 8.12
N ARG A 43 -0.24 -9.01 7.85
CA ARG A 43 0.57 -8.01 7.17
C ARG A 43 1.81 -7.68 7.99
N ARG A 44 2.82 -7.17 7.31
CA ARG A 44 4.01 -6.56 7.88
C ARG A 44 4.08 -5.13 7.37
N ALA A 45 4.93 -4.29 7.98
CA ALA A 45 5.20 -2.98 7.42
C ALA A 45 5.79 -3.10 5.99
N VAL A 46 6.62 -4.12 5.77
CA VAL A 46 7.32 -4.32 4.49
C VAL A 46 6.36 -4.58 3.36
N ASP A 47 5.18 -5.09 3.68
CA ASP A 47 4.14 -5.34 2.69
C ASP A 47 3.68 -4.02 2.10
N LEU A 48 3.51 -3.00 2.95
CA LEU A 48 3.21 -1.64 2.53
C LEU A 48 4.37 -1.11 1.70
N ALA A 49 5.62 -1.45 2.01
CA ALA A 49 6.75 -1.07 1.19
C ALA A 49 6.66 -1.77 -0.18
N HIS A 50 6.34 -3.06 -0.20
CA HIS A 50 6.37 -3.91 -1.40
C HIS A 50 5.29 -3.53 -2.40
N LYS A 51 4.02 -3.50 -1.98
CA LYS A 51 2.92 -3.15 -2.86
C LYS A 51 3.14 -1.75 -3.42
N TYR A 52 3.48 -0.79 -2.57
CA TYR A 52 3.81 0.57 -2.92
C TYR A 52 4.92 0.59 -3.96
N HIS A 53 5.99 -0.16 -3.73
CA HIS A 53 7.09 -0.30 -4.70
C HIS A 53 6.54 -0.69 -6.08
N ARG A 54 5.67 -1.68 -6.14
CA ARG A 54 5.05 -2.11 -7.38
C ARG A 54 4.12 -1.03 -7.93
N LEU A 55 3.49 -0.23 -7.08
CA LEU A 55 2.65 0.90 -7.50
C LEU A 55 3.49 2.05 -8.07
N ILE A 56 4.64 2.42 -7.48
CA ILE A 56 5.52 3.49 -7.97
C ILE A 56 6.34 3.06 -9.20
N SER A 57 6.44 1.76 -9.46
CA SER A 57 7.12 1.19 -10.60
C SER A 57 6.08 0.57 -11.54
N GLY A 58 5.24 1.41 -12.12
CA GLY A 58 4.27 1.06 -13.15
C GLY A 58 4.94 0.57 -14.44
N PRO A 59 4.16 0.23 -15.47
CA PRO A 59 4.70 -0.19 -16.76
C PRO A 59 5.59 0.90 -17.37
N SER A 60 5.11 2.14 -17.41
CA SER A 60 5.91 3.32 -17.69
C SER A 60 6.71 3.62 -16.43
N SER A 61 8.04 3.46 -16.47
CA SER A 61 8.90 3.80 -15.35
C SER A 61 10.13 4.54 -15.84
N GLY A 62 10.02 5.87 -15.94
CA GLY A 62 11.09 6.76 -16.35
C GLY A 62 10.51 7.82 -17.27
N GLY A 1 -5.58 10.28 -15.31
CA GLY A 1 -4.38 10.07 -14.48
C GLY A 1 -4.41 8.67 -13.91
N SER A 2 -4.13 8.53 -12.61
CA SER A 2 -4.39 7.29 -11.88
C SER A 2 -5.42 7.58 -10.79
N SER A 3 -6.15 6.53 -10.40
CA SER A 3 -7.12 6.54 -9.32
C SER A 3 -7.10 5.15 -8.67
N GLY A 4 -7.75 5.01 -7.52
CA GLY A 4 -7.92 3.74 -6.85
C GLY A 4 -8.72 2.79 -7.73
N SER A 5 -8.24 1.55 -7.87
CA SER A 5 -8.79 0.49 -8.70
C SER A 5 -8.31 -0.86 -8.16
N SER A 6 -8.63 -1.96 -8.84
CA SER A 6 -7.90 -3.21 -8.71
C SER A 6 -6.45 -3.03 -9.18
N GLY A 7 -5.63 -4.07 -9.03
CA GLY A 7 -4.28 -4.14 -9.59
C GLY A 7 -3.54 -5.37 -9.10
N ARG A 8 -3.55 -5.61 -7.79
CA ARG A 8 -2.94 -6.79 -7.18
C ARG A 8 -3.88 -7.42 -6.17
N LYS A 9 -3.59 -8.69 -5.83
CA LYS A 9 -4.16 -9.37 -4.68
C LYS A 9 -3.59 -8.80 -3.38
N ASP A 10 -3.79 -9.48 -2.26
CA ASP A 10 -3.67 -8.97 -0.90
C ASP A 10 -4.58 -7.76 -0.74
N PHE A 11 -4.06 -6.53 -0.79
CA PHE A 11 -4.79 -5.33 -0.41
C PHE A 11 -6.05 -5.14 -1.25
N THR A 12 -7.15 -4.79 -0.58
CA THR A 12 -8.37 -4.33 -1.23
C THR A 12 -8.15 -2.92 -1.77
N LYS A 13 -9.10 -2.41 -2.56
CA LYS A 13 -9.14 -1.01 -2.97
C LYS A 13 -9.14 -0.07 -1.74
N GLU A 14 -9.66 -0.52 -0.60
CA GLU A 14 -9.62 0.26 0.63
C GLU A 14 -8.18 0.34 1.13
N GLU A 15 -7.51 -0.80 1.34
CA GLU A 15 -6.15 -0.84 1.88
C GLU A 15 -5.18 -0.08 0.98
N VAL A 16 -5.39 -0.10 -0.33
CA VAL A 16 -4.58 0.66 -1.28
C VAL A 16 -4.79 2.15 -1.10
N ASN A 17 -6.03 2.60 -0.86
CA ASN A 17 -6.31 4.00 -0.56
C ASN A 17 -5.65 4.37 0.76
N TYR A 18 -5.77 3.53 1.79
CA TYR A 18 -5.18 3.76 3.11
C TYR A 18 -3.67 3.87 3.02
N LEU A 19 -3.07 3.06 2.15
CA LEU A 19 -1.67 3.16 1.80
C LEU A 19 -1.36 4.59 1.34
N PHE A 20 -2.06 5.08 0.32
CA PHE A 20 -1.80 6.39 -0.26
C PHE A 20 -2.18 7.53 0.68
N HIS A 21 -3.17 7.38 1.55
CA HIS A 21 -3.48 8.33 2.60
C HIS A 21 -2.27 8.42 3.52
N GLY A 22 -1.87 7.29 4.10
CA GLY A 22 -0.72 7.12 4.96
C GLY A 22 0.51 7.77 4.37
N VAL A 23 0.96 7.33 3.20
CA VAL A 23 2.20 7.81 2.57
C VAL A 23 2.14 9.31 2.24
N LYS A 24 0.96 9.90 2.13
CA LYS A 24 0.86 11.34 1.88
C LYS A 24 1.16 12.11 3.17
N THR A 25 0.67 11.66 4.32
CA THR A 25 0.81 12.37 5.58
C THR A 25 2.00 11.88 6.41
N MET A 26 2.53 10.67 6.18
CA MET A 26 3.60 10.05 6.94
C MET A 26 4.85 9.77 6.08
N GLY A 27 4.83 10.13 4.79
CA GLY A 27 5.88 9.82 3.83
C GLY A 27 6.25 8.34 3.84
N ASN A 28 7.38 7.98 4.46
CA ASN A 28 7.97 6.64 4.31
C ASN A 28 7.94 5.90 5.65
N HIS A 29 7.19 6.39 6.66
CA HIS A 29 6.98 5.69 7.92
C HIS A 29 5.93 4.58 7.70
N TRP A 30 6.40 3.34 7.50
CA TRP A 30 5.53 2.23 7.12
C TRP A 30 4.82 1.66 8.34
N ASN A 31 5.57 1.40 9.41
CA ASN A 31 5.07 0.76 10.63
C ASN A 31 3.86 1.52 11.15
N SER A 32 3.98 2.85 11.18
CA SER A 32 2.94 3.78 11.59
C SER A 32 1.68 3.63 10.75
N ILE A 33 1.77 3.58 9.42
CA ILE A 33 0.64 3.38 8.52
C ILE A 33 -0.06 2.06 8.83
N LEU A 34 0.73 0.99 9.01
CA LEU A 34 0.28 -0.39 9.20
C LEU A 34 -0.67 -0.52 10.40
N TRP A 35 -0.58 0.41 11.35
CA TRP A 35 -1.41 0.42 12.54
C TRP A 35 -2.37 1.62 12.52
N SER A 36 -1.99 2.74 11.88
CA SER A 36 -2.83 3.93 11.85
C SER A 36 -4.08 3.71 10.99
N PHE A 37 -4.07 2.75 10.07
CA PHE A 37 -5.20 2.43 9.21
C PHE A 37 -5.57 0.96 9.43
N PRO A 38 -6.83 0.56 9.16
CA PRO A 38 -7.23 -0.83 9.25
C PRO A 38 -6.65 -1.57 8.05
N PHE A 39 -5.67 -2.43 8.29
CA PHE A 39 -5.13 -3.37 7.32
C PHE A 39 -5.53 -4.80 7.71
N GLN A 40 -5.33 -5.73 6.79
CA GLN A 40 -5.54 -7.15 6.98
C GLN A 40 -4.74 -7.69 8.17
N LYS A 41 -5.13 -8.88 8.62
CA LYS A 41 -4.32 -9.70 9.51
C LYS A 41 -3.03 -10.14 8.82
N GLY A 42 -2.06 -10.56 9.63
CA GLY A 42 -0.84 -11.20 9.21
C GLY A 42 0.17 -10.25 8.54
N ARG A 43 -0.26 -9.05 8.13
CA ARG A 43 0.55 -8.10 7.39
C ARG A 43 1.74 -7.62 8.21
N ARG A 44 2.71 -7.04 7.52
CA ARG A 44 3.85 -6.35 8.10
C ARG A 44 3.96 -4.96 7.51
N ALA A 45 4.84 -4.14 8.07
CA ALA A 45 5.20 -2.85 7.50
C ALA A 45 5.77 -3.02 6.08
N VAL A 46 6.49 -4.11 5.82
CA VAL A 46 7.12 -4.32 4.51
C VAL A 46 6.11 -4.50 3.41
N ASP A 47 4.95 -5.07 3.76
CA ASP A 47 3.87 -5.31 2.79
C ASP A 47 3.46 -4.01 2.12
N LEU A 48 3.44 -2.93 2.90
CA LEU A 48 3.09 -1.58 2.49
C LEU A 48 4.12 -1.03 1.52
N ALA A 49 5.40 -1.13 1.90
CA ALA A 49 6.51 -0.69 1.08
C ALA A 49 6.44 -1.44 -0.24
N HIS A 50 6.36 -2.76 -0.17
CA HIS A 50 6.31 -3.64 -1.32
C HIS A 50 5.17 -3.26 -2.26
N LYS A 51 3.96 -3.01 -1.74
CA LYS A 51 2.83 -2.57 -2.52
C LYS A 51 3.18 -1.31 -3.30
N TYR A 52 3.54 -0.27 -2.56
CA TYR A 52 3.86 1.06 -3.05
C TYR A 52 4.95 1.00 -4.10
N HIS A 53 6.02 0.24 -3.84
CA HIS A 53 7.11 0.03 -4.76
C HIS A 53 6.60 -0.60 -6.05
N ARG A 54 5.77 -1.65 -5.99
CA ARG A 54 5.11 -2.18 -7.19
C ARG A 54 4.31 -1.10 -7.89
N LEU A 55 3.60 -0.25 -7.13
CA LEU A 55 2.76 0.80 -7.71
C LEU A 55 3.55 2.00 -8.26
N ILE A 56 4.87 2.09 -8.09
CA ILE A 56 5.71 3.04 -8.84
C ILE A 56 6.54 2.32 -9.91
N SER A 57 6.60 0.99 -9.89
CA SER A 57 7.02 0.15 -11.01
C SER A 57 5.91 0.07 -12.06
N GLY A 58 5.63 1.20 -12.72
CA GLY A 58 4.80 1.28 -13.91
C GLY A 58 3.88 2.50 -13.87
N PRO A 59 3.36 2.95 -15.04
CA PRO A 59 2.40 4.03 -15.12
C PRO A 59 0.99 3.55 -14.70
N SER A 60 0.67 2.28 -14.96
CA SER A 60 -0.61 1.67 -14.71
C SER A 60 -0.35 0.17 -14.93
N SER A 61 -0.61 -0.64 -13.91
CA SER A 61 -0.22 -2.04 -13.87
C SER A 61 -1.49 -2.88 -13.68
N GLY A 62 -2.09 -3.29 -14.79
CA GLY A 62 -3.24 -4.20 -14.80
C GLY A 62 -3.05 -5.23 -15.89
N GLY A 1 -0.74 3.59 -14.47
CA GLY A 1 -1.22 2.70 -13.40
C GLY A 1 -2.62 2.25 -13.68
N SER A 2 -3.62 2.96 -13.15
CA SER A 2 -5.04 2.77 -13.41
C SER A 2 -5.53 1.34 -13.13
N SER A 3 -5.86 1.06 -11.86
CA SER A 3 -6.34 -0.25 -11.40
C SER A 3 -5.29 -1.33 -11.71
N GLY A 4 -5.72 -2.58 -11.84
CA GLY A 4 -4.88 -3.69 -12.25
C GLY A 4 -3.98 -4.20 -11.14
N SER A 5 -3.16 -5.20 -11.50
CA SER A 5 -2.22 -6.02 -10.76
C SER A 5 -2.69 -7.47 -10.89
N SER A 6 -1.75 -8.40 -11.08
CA SER A 6 -2.01 -9.82 -11.03
C SER A 6 -2.11 -10.22 -9.54
N GLY A 7 -3.31 -10.49 -9.05
CA GLY A 7 -3.55 -10.83 -7.66
C GLY A 7 -5.02 -11.19 -7.43
N ARG A 8 -5.36 -11.56 -6.20
CA ARG A 8 -6.68 -12.06 -5.77
C ARG A 8 -7.22 -11.23 -4.60
N LYS A 9 -6.39 -11.02 -3.56
CA LYS A 9 -6.78 -10.33 -2.33
C LYS A 9 -5.65 -9.43 -1.81
N ASP A 10 -4.69 -9.12 -2.67
CA ASP A 10 -3.34 -8.63 -2.39
C ASP A 10 -3.36 -7.12 -2.08
N PHE A 11 -4.24 -6.72 -1.15
CA PHE A 11 -4.71 -5.42 -0.69
C PHE A 11 -6.02 -5.15 -1.41
N THR A 12 -7.07 -4.91 -0.62
CA THR A 12 -8.32 -4.37 -1.12
C THR A 12 -8.10 -2.97 -1.71
N LYS A 13 -9.09 -2.44 -2.45
CA LYS A 13 -9.06 -1.03 -2.84
C LYS A 13 -9.08 -0.13 -1.59
N GLU A 14 -9.63 -0.64 -0.48
CA GLU A 14 -9.67 0.08 0.78
C GLU A 14 -8.25 0.33 1.26
N GLU A 15 -7.44 -0.73 1.25
CA GLU A 15 -6.08 -0.72 1.76
C GLU A 15 -5.16 0.06 0.82
N VAL A 16 -5.35 -0.03 -0.50
CA VAL A 16 -4.59 0.83 -1.42
C VAL A 16 -4.98 2.29 -1.22
N ASN A 17 -6.23 2.56 -0.85
CA ASN A 17 -6.64 3.91 -0.44
C ASN A 17 -5.80 4.35 0.75
N TYR A 18 -5.87 3.58 1.85
CA TYR A 18 -5.16 3.85 3.09
C TYR A 18 -3.64 3.96 2.88
N LEU A 19 -3.09 3.21 1.92
CA LEU A 19 -1.68 3.22 1.61
C LEU A 19 -1.25 4.65 1.26
N PHE A 20 -1.82 5.21 0.19
CA PHE A 20 -1.47 6.54 -0.25
C PHE A 20 -1.98 7.60 0.73
N HIS A 21 -3.11 7.39 1.43
CA HIS A 21 -3.57 8.32 2.45
C HIS A 21 -2.50 8.46 3.53
N GLY A 22 -2.00 7.34 4.04
CA GLY A 22 -0.91 7.28 4.99
C GLY A 22 0.31 7.98 4.44
N VAL A 23 0.88 7.49 3.34
CA VAL A 23 2.11 8.04 2.78
C VAL A 23 1.98 9.55 2.50
N LYS A 24 0.77 10.10 2.31
CA LYS A 24 0.54 11.53 2.13
C LYS A 24 0.78 12.26 3.45
N THR A 25 0.13 11.84 4.53
CA THR A 25 0.17 12.53 5.82
C THR A 25 1.44 12.17 6.61
N MET A 26 2.20 11.18 6.11
CA MET A 26 3.33 10.55 6.76
C MET A 26 4.51 10.57 5.79
N GLY A 27 4.71 9.50 5.02
CA GLY A 27 5.92 9.32 4.24
C GLY A 27 6.19 7.84 4.08
N ASN A 28 7.40 7.39 4.44
CA ASN A 28 7.85 6.02 4.19
C ASN A 28 8.03 5.22 5.49
N HIS A 29 7.63 5.75 6.67
CA HIS A 29 7.53 4.95 7.89
C HIS A 29 6.36 3.99 7.73
N TRP A 30 6.66 2.75 7.36
CA TRP A 30 5.61 1.81 7.00
C TRP A 30 4.88 1.30 8.24
N ASN A 31 5.59 0.98 9.32
CA ASN A 31 4.99 0.53 10.57
C ASN A 31 3.94 1.51 11.09
N SER A 32 4.17 2.82 10.93
CA SER A 32 3.23 3.84 11.34
C SER A 32 1.91 3.68 10.58
N ILE A 33 1.95 3.68 9.25
CA ILE A 33 0.81 3.50 8.36
C ILE A 33 0.04 2.24 8.74
N LEU A 34 0.77 1.14 8.91
CA LEU A 34 0.23 -0.18 9.19
C LEU A 34 -0.65 -0.17 10.44
N TRP A 35 -0.35 0.69 11.42
CA TRP A 35 -1.21 0.94 12.57
C TRP A 35 -2.28 2.00 12.26
N SER A 36 -1.88 3.08 11.59
CA SER A 36 -2.66 4.30 11.45
C SER A 36 -4.02 4.03 10.81
N PHE A 37 -4.11 3.09 9.87
CA PHE A 37 -5.31 2.80 9.11
C PHE A 37 -5.60 1.31 9.22
N PRO A 38 -6.85 0.85 9.00
CA PRO A 38 -7.17 -0.55 9.19
C PRO A 38 -6.71 -1.35 7.98
N PHE A 39 -5.66 -2.14 8.15
CA PHE A 39 -5.15 -3.09 7.17
C PHE A 39 -5.56 -4.51 7.60
N GLN A 40 -5.44 -5.47 6.68
CA GLN A 40 -5.65 -6.90 6.94
C GLN A 40 -4.82 -7.37 8.16
N LYS A 41 -5.20 -8.53 8.71
CA LYS A 41 -4.48 -9.15 9.82
C LYS A 41 -3.27 -9.89 9.28
N GLY A 42 -2.29 -10.18 10.15
CA GLY A 42 -1.06 -10.87 9.78
C GLY A 42 -0.20 -10.12 8.77
N ARG A 43 -0.52 -8.87 8.44
CA ARG A 43 0.31 -8.05 7.56
C ARG A 43 1.57 -7.66 8.30
N ARG A 44 2.57 -7.25 7.54
CA ARG A 44 3.82 -6.72 8.06
C ARG A 44 3.96 -5.30 7.55
N ALA A 45 4.82 -4.47 8.15
CA ALA A 45 5.15 -3.16 7.59
C ALA A 45 5.65 -3.28 6.14
N VAL A 46 6.39 -4.33 5.82
CA VAL A 46 7.01 -4.54 4.50
C VAL A 46 5.98 -4.75 3.41
N ASP A 47 4.78 -5.22 3.76
CA ASP A 47 3.66 -5.40 2.82
C ASP A 47 3.42 -4.10 2.07
N LEU A 48 3.38 -3.01 2.84
CA LEU A 48 3.12 -1.66 2.37
C LEU A 48 4.27 -1.23 1.46
N ALA A 49 5.51 -1.49 1.88
CA ALA A 49 6.74 -1.10 1.19
C ALA A 49 6.76 -1.78 -0.17
N HIS A 50 6.52 -3.10 -0.16
CA HIS A 50 6.42 -3.92 -1.35
C HIS A 50 5.37 -3.36 -2.29
N LYS A 51 4.10 -3.29 -1.85
CA LYS A 51 3.00 -2.87 -2.70
C LYS A 51 3.32 -1.53 -3.36
N TYR A 52 3.65 -0.55 -2.54
CA TYR A 52 4.00 0.80 -2.92
C TYR A 52 5.07 0.81 -3.98
N HIS A 53 6.18 0.11 -3.76
CA HIS A 53 7.27 0.04 -4.73
C HIS A 53 6.77 -0.47 -6.07
N ARG A 54 6.01 -1.58 -6.06
CA ARG A 54 5.40 -2.13 -7.27
C ARG A 54 4.49 -1.08 -7.89
N LEU A 55 3.69 -0.37 -7.10
CA LEU A 55 2.76 0.65 -7.59
C LEU A 55 3.49 1.80 -8.28
N ILE A 56 4.48 2.43 -7.63
CA ILE A 56 5.27 3.49 -8.27
C ILE A 56 6.02 2.94 -9.49
N SER A 57 6.33 1.64 -9.50
CA SER A 57 7.01 0.95 -10.59
C SER A 57 8.35 1.62 -10.92
N GLY A 58 9.06 2.09 -9.90
CA GLY A 58 10.26 2.91 -10.05
C GLY A 58 11.51 2.08 -10.34
N PRO A 59 12.63 2.72 -10.71
CA PRO A 59 13.90 2.05 -10.91
C PRO A 59 14.51 1.71 -9.54
N SER A 60 14.77 0.44 -9.29
CA SER A 60 15.60 -0.05 -8.20
C SER A 60 16.16 -1.42 -8.60
N SER A 61 17.06 -1.97 -7.79
CA SER A 61 17.70 -3.28 -7.94
C SER A 61 18.76 -3.29 -9.03
N GLY A 62 18.51 -2.70 -10.20
CA GLY A 62 19.32 -2.88 -11.38
C GLY A 62 18.65 -3.98 -12.18
N GLY A 1 -6.58 8.69 -8.70
CA GLY A 1 -7.92 8.15 -8.90
C GLY A 1 -8.32 7.32 -7.71
N SER A 2 -9.05 6.23 -7.92
CA SER A 2 -9.43 5.31 -6.84
C SER A 2 -9.59 3.86 -7.29
N SER A 3 -9.84 3.61 -8.58
CA SER A 3 -9.74 2.32 -9.25
C SER A 3 -10.43 1.16 -8.48
N GLY A 4 -11.67 1.33 -8.04
CA GLY A 4 -12.41 0.32 -7.29
C GLY A 4 -12.80 -0.86 -8.20
N SER A 5 -12.19 -2.02 -7.94
CA SER A 5 -12.30 -3.25 -8.73
C SER A 5 -12.07 -4.45 -7.82
N SER A 6 -12.42 -5.66 -8.30
CA SER A 6 -12.29 -6.89 -7.54
C SER A 6 -10.82 -7.27 -7.31
N GLY A 7 -10.54 -8.07 -6.28
CA GLY A 7 -9.21 -8.53 -5.91
C GLY A 7 -9.31 -9.60 -4.82
N ARG A 8 -8.25 -10.38 -4.64
CA ARG A 8 -8.08 -11.33 -3.54
C ARG A 8 -6.60 -11.45 -3.22
N LYS A 9 -6.25 -11.73 -1.95
CA LYS A 9 -4.91 -11.89 -1.35
C LYS A 9 -4.01 -10.67 -1.44
N ASP A 10 -3.99 -9.99 -2.59
CA ASP A 10 -3.40 -8.66 -2.70
C ASP A 10 -4.20 -7.67 -1.86
N PHE A 11 -3.71 -6.44 -1.81
CA PHE A 11 -4.41 -5.33 -1.17
C PHE A 11 -5.70 -5.12 -1.97
N THR A 12 -6.84 -5.02 -1.29
CA THR A 12 -8.04 -4.54 -1.95
C THR A 12 -7.93 -3.02 -2.14
N LYS A 13 -8.89 -2.42 -2.85
CA LYS A 13 -8.99 -0.97 -3.05
C LYS A 13 -8.84 -0.26 -1.71
N GLU A 14 -9.60 -0.69 -0.69
CA GLU A 14 -9.64 0.02 0.57
C GLU A 14 -8.26 0.14 1.20
N GLU A 15 -7.43 -0.89 1.09
CA GLU A 15 -6.13 -0.83 1.73
C GLU A 15 -5.18 0.03 0.88
N VAL A 16 -5.29 -0.01 -0.45
CA VAL A 16 -4.49 0.83 -1.35
C VAL A 16 -4.81 2.31 -1.11
N ASN A 17 -6.07 2.63 -0.85
CA ASN A 17 -6.50 3.97 -0.43
C ASN A 17 -5.68 4.41 0.78
N TYR A 18 -5.61 3.57 1.83
CA TYR A 18 -4.84 3.87 3.02
C TYR A 18 -3.35 3.89 2.78
N LEU A 19 -2.85 3.12 1.81
CA LEU A 19 -1.45 3.15 1.45
C LEU A 19 -1.11 4.56 0.95
N PHE A 20 -1.86 5.08 -0.03
CA PHE A 20 -1.67 6.45 -0.49
C PHE A 20 -1.89 7.46 0.62
N HIS A 21 -3.02 7.38 1.34
CA HIS A 21 -3.38 8.32 2.39
C HIS A 21 -2.28 8.38 3.45
N GLY A 22 -1.82 7.24 3.94
CA GLY A 22 -0.78 7.14 4.96
C GLY A 22 0.52 7.74 4.47
N VAL A 23 1.01 7.31 3.30
CA VAL A 23 2.24 7.83 2.73
C VAL A 23 2.10 9.34 2.49
N LYS A 24 0.90 9.86 2.24
CA LYS A 24 0.70 11.26 1.91
C LYS A 24 0.94 12.12 3.15
N THR A 25 0.53 11.66 4.33
CA THR A 25 0.62 12.42 5.58
C THR A 25 1.89 12.06 6.37
N MET A 26 2.53 10.91 6.12
CA MET A 26 3.68 10.44 6.88
C MET A 26 4.98 10.36 6.07
N GLY A 27 4.90 10.28 4.75
CA GLY A 27 6.00 9.77 3.95
C GLY A 27 6.32 8.34 4.36
N ASN A 28 7.59 7.94 4.21
CA ASN A 28 8.15 6.58 4.32
C ASN A 28 8.15 5.96 5.73
N HIS A 29 7.28 6.38 6.64
CA HIS A 29 7.01 5.65 7.88
C HIS A 29 6.03 4.53 7.52
N TRP A 30 6.50 3.29 7.41
CA TRP A 30 5.62 2.15 7.12
C TRP A 30 4.99 1.60 8.39
N ASN A 31 5.75 1.54 9.49
CA ASN A 31 5.29 0.98 10.76
C ASN A 31 4.04 1.70 11.26
N SER A 32 4.07 3.04 11.29
CA SER A 32 2.96 3.89 11.68
C SER A 32 1.71 3.63 10.82
N ILE A 33 1.83 3.61 9.49
CA ILE A 33 0.73 3.38 8.55
C ILE A 33 0.02 2.08 8.89
N LEU A 34 0.78 1.01 9.10
CA LEU A 34 0.25 -0.32 9.35
C LEU A 34 -0.74 -0.34 10.52
N TRP A 35 -0.58 0.56 11.50
CA TRP A 35 -1.50 0.71 12.61
C TRP A 35 -2.48 1.86 12.40
N SER A 36 -2.12 2.89 11.63
CA SER A 36 -2.90 4.12 11.45
C SER A 36 -4.27 3.86 10.81
N PHE A 37 -4.41 2.75 10.10
CA PHE A 37 -5.61 2.36 9.38
C PHE A 37 -5.87 0.89 9.68
N PRO A 38 -7.09 0.36 9.45
CA PRO A 38 -7.30 -1.06 9.54
C PRO A 38 -6.78 -1.68 8.23
N PHE A 39 -5.67 -2.41 8.30
CA PHE A 39 -5.15 -3.18 7.19
C PHE A 39 -5.55 -4.64 7.39
N GLN A 40 -5.29 -5.46 6.37
CA GLN A 40 -5.52 -6.90 6.39
C GLN A 40 -4.77 -7.51 7.59
N LYS A 41 -5.29 -8.61 8.14
CA LYS A 41 -4.69 -9.22 9.32
C LYS A 41 -3.38 -9.91 8.94
N GLY A 42 -2.50 -10.06 9.93
CA GLY A 42 -1.26 -10.81 9.81
C GLY A 42 -0.24 -10.17 8.88
N ARG A 43 -0.36 -8.87 8.61
CA ARG A 43 0.56 -8.11 7.76
C ARG A 43 1.80 -7.68 8.53
N ARG A 44 2.83 -7.32 7.77
CA ARG A 44 4.03 -6.64 8.22
C ARG A 44 4.02 -5.24 7.61
N ALA A 45 4.82 -4.32 8.16
CA ALA A 45 4.97 -3.00 7.56
C ALA A 45 5.65 -3.10 6.18
N VAL A 46 6.47 -4.12 5.93
CA VAL A 46 7.16 -4.31 4.66
C VAL A 46 6.21 -4.63 3.52
N ASP A 47 5.06 -5.18 3.86
CA ASP A 47 4.02 -5.55 2.89
C ASP A 47 3.52 -4.30 2.17
N LEU A 48 3.41 -3.20 2.93
CA LEU A 48 3.06 -1.86 2.47
C LEU A 48 4.11 -1.36 1.50
N ALA A 49 5.38 -1.44 1.91
CA ALA A 49 6.51 -0.97 1.15
C ALA A 49 6.61 -1.77 -0.15
N HIS A 50 6.34 -3.07 -0.11
CA HIS A 50 6.30 -3.90 -1.30
C HIS A 50 5.22 -3.38 -2.26
N LYS A 51 3.97 -3.23 -1.80
CA LYS A 51 2.87 -2.79 -2.66
C LYS A 51 3.19 -1.44 -3.29
N TYR A 52 3.75 -0.53 -2.52
CA TYR A 52 4.18 0.79 -2.94
C TYR A 52 5.21 0.71 -4.06
N HIS A 53 6.24 -0.12 -3.91
CA HIS A 53 7.23 -0.34 -4.96
C HIS A 53 6.61 -0.97 -6.21
N ARG A 54 5.45 -1.62 -6.15
CA ARG A 54 4.71 -1.93 -7.37
C ARG A 54 3.98 -0.70 -7.87
N LEU A 55 3.25 0.00 -7.00
CA LEU A 55 2.40 1.13 -7.40
C LEU A 55 3.19 2.21 -8.16
N ILE A 56 4.26 2.74 -7.55
CA ILE A 56 5.01 3.86 -8.14
C ILE A 56 5.69 3.48 -9.45
N SER A 57 5.95 2.19 -9.65
CA SER A 57 6.62 1.65 -10.82
C SER A 57 5.74 1.71 -12.07
N GLY A 58 4.45 2.04 -11.95
CA GLY A 58 3.54 2.15 -13.09
C GLY A 58 2.63 0.92 -13.19
N PRO A 59 1.99 0.70 -14.35
CA PRO A 59 0.88 -0.23 -14.51
C PRO A 59 1.34 -1.69 -14.67
N SER A 60 2.07 -2.21 -13.68
CA SER A 60 2.60 -3.58 -13.67
C SER A 60 1.44 -4.57 -13.84
N SER A 61 1.47 -5.37 -14.91
CA SER A 61 0.55 -6.46 -15.18
C SER A 61 1.23 -7.47 -16.09
N GLY A 62 1.62 -7.05 -17.30
CA GLY A 62 2.22 -7.91 -18.30
C GLY A 62 3.67 -8.21 -17.97
N GLY A 1 4.36 3.43 -16.94
CA GLY A 1 4.03 3.72 -15.54
C GLY A 1 3.26 5.02 -15.53
N SER A 2 3.75 6.01 -14.79
CA SER A 2 3.30 7.40 -14.80
C SER A 2 1.86 7.56 -14.35
N SER A 3 1.66 7.90 -13.07
CA SER A 3 0.35 8.06 -12.45
C SER A 3 -0.48 6.77 -12.57
N GLY A 4 -1.80 6.86 -12.40
CA GLY A 4 -2.69 5.72 -12.48
C GLY A 4 -2.65 4.87 -11.20
N SER A 5 -3.64 4.00 -11.05
CA SER A 5 -3.82 3.10 -9.92
C SER A 5 -4.63 1.91 -10.40
N SER A 6 -4.11 0.70 -10.23
CA SER A 6 -4.81 -0.56 -10.43
C SER A 6 -4.31 -1.58 -9.39
N GLY A 7 -4.94 -2.74 -9.34
CA GLY A 7 -4.56 -3.88 -8.53
C GLY A 7 -4.47 -5.14 -9.39
N ARG A 8 -4.23 -6.29 -8.75
CA ARG A 8 -4.37 -7.65 -9.27
C ARG A 8 -5.10 -8.47 -8.21
N LYS A 9 -4.45 -8.70 -7.06
CA LYS A 9 -4.93 -9.55 -5.97
C LYS A 9 -4.44 -8.97 -4.64
N ASP A 10 -3.13 -8.69 -4.54
CA ASP A 10 -2.51 -8.04 -3.39
C ASP A 10 -3.13 -6.65 -3.21
N PHE A 11 -3.78 -6.43 -2.08
CA PHE A 11 -4.44 -5.22 -1.59
C PHE A 11 -5.71 -4.89 -2.40
N THR A 12 -6.84 -4.94 -1.70
CA THR A 12 -8.10 -4.36 -2.14
C THR A 12 -7.90 -2.84 -2.29
N LYS A 13 -8.70 -2.19 -3.15
CA LYS A 13 -8.67 -0.75 -3.38
C LYS A 13 -8.94 0.06 -2.11
N GLU A 14 -9.57 -0.53 -1.09
CA GLU A 14 -9.77 0.08 0.22
C GLU A 14 -8.38 0.24 0.88
N GLU A 15 -7.64 -0.84 1.06
CA GLU A 15 -6.30 -0.84 1.65
C GLU A 15 -5.33 0.00 0.80
N VAL A 16 -5.47 -0.01 -0.53
CA VAL A 16 -4.63 0.84 -1.38
C VAL A 16 -4.89 2.31 -1.10
N ASN A 17 -6.14 2.70 -0.87
CA ASN A 17 -6.45 4.06 -0.48
C ASN A 17 -5.76 4.38 0.84
N TYR A 18 -5.81 3.50 1.85
CA TYR A 18 -5.07 3.73 3.09
C TYR A 18 -3.56 3.79 2.88
N LEU A 19 -3.03 3.11 1.86
CA LEU A 19 -1.63 3.19 1.53
C LEU A 19 -1.28 4.62 1.09
N PHE A 20 -1.95 5.12 0.06
CA PHE A 20 -1.69 6.45 -0.47
C PHE A 20 -2.05 7.53 0.55
N HIS A 21 -3.07 7.30 1.39
CA HIS A 21 -3.44 8.18 2.49
C HIS A 21 -2.33 8.21 3.53
N GLY A 22 -1.78 7.04 3.86
CA GLY A 22 -0.71 6.82 4.82
C GLY A 22 0.56 7.54 4.40
N VAL A 23 1.07 7.27 3.21
CA VAL A 23 2.29 7.92 2.73
C VAL A 23 2.07 9.44 2.59
N LYS A 24 0.83 9.91 2.39
CA LYS A 24 0.53 11.33 2.31
C LYS A 24 0.73 11.99 3.67
N THR A 25 0.35 11.31 4.76
CA THR A 25 0.33 11.90 6.09
C THR A 25 1.62 11.59 6.85
N MET A 26 2.28 10.47 6.57
CA MET A 26 3.45 9.98 7.29
C MET A 26 4.74 10.13 6.49
N GLY A 27 4.68 10.12 5.16
CA GLY A 27 5.86 9.86 4.35
C GLY A 27 6.26 8.39 4.49
N ASN A 28 7.54 8.07 4.26
CA ASN A 28 8.08 6.71 4.18
C ASN A 28 8.17 6.00 5.56
N HIS A 29 7.18 6.18 6.45
CA HIS A 29 7.16 5.54 7.76
C HIS A 29 6.06 4.49 7.74
N TRP A 30 6.45 3.24 7.50
CA TRP A 30 5.51 2.17 7.18
C TRP A 30 4.88 1.61 8.43
N ASN A 31 5.65 1.48 9.50
CA ASN A 31 5.18 0.86 10.74
C ASN A 31 4.03 1.69 11.32
N SER A 32 4.17 3.02 11.31
CA SER A 32 3.12 3.96 11.64
C SER A 32 1.88 3.73 10.79
N ILE A 33 1.96 3.78 9.45
CA ILE A 33 0.86 3.56 8.52
C ILE A 33 0.09 2.29 8.89
N LEU A 34 0.82 1.19 9.04
CA LEU A 34 0.30 -0.13 9.36
C LEU A 34 -0.63 -0.09 10.57
N TRP A 35 -0.31 0.72 11.58
CA TRP A 35 -1.13 0.90 12.76
C TRP A 35 -2.20 1.98 12.53
N SER A 36 -1.83 3.07 11.86
CA SER A 36 -2.63 4.29 11.77
C SER A 36 -3.99 4.10 11.07
N PHE A 37 -4.15 3.05 10.28
CA PHE A 37 -5.34 2.79 9.49
C PHE A 37 -5.70 1.32 9.66
N PRO A 38 -6.97 0.92 9.46
CA PRO A 38 -7.32 -0.49 9.46
C PRO A 38 -6.70 -1.10 8.21
N PHE A 39 -5.69 -1.94 8.40
CA PHE A 39 -5.22 -2.89 7.41
C PHE A 39 -5.61 -4.28 7.91
N GLN A 40 -5.41 -5.29 7.07
CA GLN A 40 -5.58 -6.68 7.47
C GLN A 40 -4.52 -7.02 8.52
N LYS A 41 -4.84 -7.89 9.46
CA LYS A 41 -3.89 -8.47 10.39
C LYS A 41 -2.90 -9.35 9.64
N GLY A 42 -1.87 -9.86 10.33
CA GLY A 42 -0.82 -10.66 9.72
C GLY A 42 0.07 -9.89 8.74
N ARG A 43 -0.31 -8.67 8.31
CA ARG A 43 0.50 -7.76 7.51
C ARG A 43 1.77 -7.47 8.28
N ARG A 44 2.91 -7.51 7.60
CA ARG A 44 4.15 -6.91 8.08
C ARG A 44 4.14 -5.45 7.61
N ALA A 45 5.02 -4.60 8.14
CA ALA A 45 5.17 -3.25 7.60
C ALA A 45 5.65 -3.29 6.13
N VAL A 46 6.39 -4.35 5.75
CA VAL A 46 7.00 -4.49 4.43
C VAL A 46 5.96 -4.65 3.33
N ASP A 47 4.80 -5.20 3.67
CA ASP A 47 3.68 -5.38 2.74
C ASP A 47 3.39 -4.06 2.05
N LEU A 48 3.34 -3.00 2.86
CA LEU A 48 3.06 -1.62 2.44
C LEU A 48 4.18 -1.11 1.54
N ALA A 49 5.42 -1.28 1.98
CA ALA A 49 6.61 -0.74 1.34
C ALA A 49 6.81 -1.39 -0.02
N HIS A 50 6.56 -2.71 -0.08
CA HIS A 50 6.61 -3.47 -1.31
C HIS A 50 5.46 -3.07 -2.23
N LYS A 51 4.22 -3.05 -1.74
CA LYS A 51 3.06 -2.70 -2.54
C LYS A 51 3.25 -1.34 -3.20
N TYR A 52 3.72 -0.35 -2.45
CA TYR A 52 4.03 0.98 -2.93
C TYR A 52 5.05 0.94 -4.06
N HIS A 53 6.14 0.18 -3.86
CA HIS A 53 7.14 -0.04 -4.89
C HIS A 53 6.52 -0.64 -6.15
N ARG A 54 5.61 -1.61 -6.02
CA ARG A 54 4.91 -2.21 -7.16
C ARG A 54 3.89 -1.26 -7.76
N LEU A 55 3.32 -0.34 -6.99
CA LEU A 55 2.46 0.71 -7.53
C LEU A 55 3.28 1.60 -8.46
N ILE A 56 4.38 2.20 -7.99
CA ILE A 56 5.20 3.06 -8.84
C ILE A 56 5.82 2.28 -10.02
N SER A 57 6.36 1.09 -9.78
CA SER A 57 6.96 0.24 -10.80
C SER A 57 5.86 -0.71 -11.30
N GLY A 58 5.04 -0.17 -12.20
CA GLY A 58 4.06 -0.90 -12.97
C GLY A 58 4.74 -1.74 -14.06
N PRO A 59 4.45 -1.48 -15.34
CA PRO A 59 5.07 -2.15 -16.48
C PRO A 59 6.52 -1.67 -16.58
N SER A 60 7.42 -2.34 -15.86
CA SER A 60 8.82 -2.04 -15.70
C SER A 60 9.52 -3.34 -15.27
N SER A 61 10.78 -3.50 -15.67
CA SER A 61 11.62 -4.66 -15.41
C SER A 61 13.06 -4.34 -15.84
N GLY A 62 14.02 -5.14 -15.36
CA GLY A 62 15.44 -5.00 -15.65
C GLY A 62 16.18 -5.02 -14.35
N GLY A 1 -2.95 11.53 -7.51
CA GLY A 1 -3.20 10.25 -6.84
C GLY A 1 -3.81 9.27 -7.82
N SER A 2 -3.41 8.00 -7.75
CA SER A 2 -3.93 6.94 -8.59
C SER A 2 -5.39 6.67 -8.25
N SER A 3 -6.14 6.16 -9.22
CA SER A 3 -7.48 5.60 -9.11
C SER A 3 -7.70 4.78 -10.39
N GLY A 4 -8.90 4.24 -10.61
CA GLY A 4 -9.34 3.72 -11.89
C GLY A 4 -8.48 2.59 -12.42
N SER A 5 -8.62 1.37 -11.89
CA SER A 5 -7.91 0.20 -12.37
C SER A 5 -8.62 -1.07 -11.89
N SER A 6 -8.28 -2.22 -12.48
CA SER A 6 -8.91 -3.52 -12.26
C SER A 6 -9.00 -3.98 -10.80
N GLY A 7 -8.18 -3.44 -9.90
CA GLY A 7 -8.07 -3.88 -8.53
C GLY A 7 -7.81 -5.38 -8.45
N ARG A 8 -6.68 -5.86 -9.00
CA ARG A 8 -6.33 -7.27 -8.98
C ARG A 8 -4.82 -7.41 -8.85
N LYS A 9 -4.39 -8.35 -8.02
CA LYS A 9 -3.05 -8.67 -7.49
C LYS A 9 -3.22 -8.75 -5.97
N ASP A 10 -2.13 -8.70 -5.22
CA ASP A 10 -2.18 -8.51 -3.77
C ASP A 10 -2.62 -7.09 -3.49
N PHE A 11 -3.08 -6.84 -2.25
CA PHE A 11 -3.43 -5.52 -1.72
C PHE A 11 -4.65 -4.94 -2.43
N THR A 12 -5.73 -4.85 -1.66
CA THR A 12 -7.10 -4.55 -1.98
C THR A 12 -7.36 -3.07 -2.31
N LYS A 13 -8.45 -2.78 -3.01
CA LYS A 13 -8.83 -1.45 -3.50
C LYS A 13 -8.87 -0.41 -2.38
N GLU A 14 -9.49 -0.79 -1.26
CA GLU A 14 -9.71 0.11 -0.12
C GLU A 14 -8.38 0.36 0.58
N GLU A 15 -7.58 -0.69 0.74
CA GLU A 15 -6.34 -0.63 1.48
C GLU A 15 -5.32 0.20 0.71
N VAL A 16 -5.32 0.13 -0.63
CA VAL A 16 -4.46 0.98 -1.46
C VAL A 16 -4.75 2.45 -1.17
N ASN A 17 -6.02 2.80 -1.03
CA ASN A 17 -6.38 4.17 -0.66
C ASN A 17 -5.73 4.53 0.66
N TYR A 18 -5.86 3.69 1.69
CA TYR A 18 -5.23 3.92 2.99
C TYR A 18 -3.71 3.99 2.89
N LEU A 19 -3.12 3.20 1.99
CA LEU A 19 -1.68 3.19 1.75
C LEU A 19 -1.25 4.59 1.33
N PHE A 20 -1.91 5.15 0.30
CA PHE A 20 -1.64 6.49 -0.18
C PHE A 20 -1.98 7.54 0.86
N HIS A 21 -3.17 7.48 1.48
CA HIS A 21 -3.57 8.43 2.52
C HIS A 21 -2.56 8.43 3.67
N GLY A 22 -1.98 7.27 3.97
CA GLY A 22 -0.87 7.06 4.87
C GLY A 22 0.38 7.78 4.38
N VAL A 23 0.99 7.38 3.27
CA VAL A 23 2.24 7.98 2.79
C VAL A 23 2.11 9.50 2.60
N LYS A 24 0.90 9.99 2.33
CA LYS A 24 0.66 11.41 2.07
C LYS A 24 1.03 12.22 3.30
N THR A 25 0.70 11.71 4.48
CA THR A 25 0.96 12.34 5.76
C THR A 25 2.25 11.80 6.40
N MET A 26 2.49 10.48 6.34
CA MET A 26 3.58 9.81 7.05
C MET A 26 4.92 9.93 6.34
N GLY A 27 4.96 10.11 5.02
CA GLY A 27 6.17 9.90 4.25
C GLY A 27 6.51 8.41 4.26
N ASN A 28 7.65 8.00 4.83
CA ASN A 28 8.15 6.63 4.74
C ASN A 28 7.97 5.83 6.04
N HIS A 29 7.19 6.34 7.00
CA HIS A 29 6.87 5.55 8.19
C HIS A 29 5.85 4.47 7.80
N TRP A 30 6.34 3.26 7.53
CA TRP A 30 5.48 2.12 7.22
C TRP A 30 4.93 1.54 8.52
N ASN A 31 5.77 1.41 9.54
CA ASN A 31 5.39 0.84 10.83
C ASN A 31 4.17 1.57 11.40
N SER A 32 4.14 2.90 11.28
CA SER A 32 3.08 3.76 11.78
C SER A 32 1.81 3.66 10.93
N ILE A 33 1.94 3.56 9.60
CA ILE A 33 0.80 3.37 8.69
C ILE A 33 0.10 2.06 9.07
N LEU A 34 0.83 0.98 9.31
CA LEU A 34 0.27 -0.32 9.62
C LEU A 34 -0.63 -0.30 10.87
N TRP A 35 -0.35 0.63 11.79
CA TRP A 35 -1.19 0.88 12.96
C TRP A 35 -2.31 1.85 12.61
N SER A 36 -1.98 2.89 11.83
CA SER A 36 -2.91 3.95 11.48
C SER A 36 -4.06 3.50 10.57
N PHE A 37 -4.02 2.33 9.93
CA PHE A 37 -5.07 1.88 9.03
C PHE A 37 -5.13 0.34 9.02
N PRO A 38 -6.24 -0.28 8.58
CA PRO A 38 -6.26 -1.71 8.33
C PRO A 38 -5.50 -2.02 7.03
N PHE A 39 -4.79 -3.14 7.00
CA PHE A 39 -4.19 -3.66 5.78
C PHE A 39 -4.41 -5.15 5.72
N GLN A 40 -5.21 -5.55 4.76
CA GLN A 40 -5.78 -6.88 4.60
C GLN A 40 -6.13 -7.42 5.99
N LYS A 41 -5.61 -8.59 6.31
CA LYS A 41 -5.44 -9.07 7.67
C LYS A 41 -4.03 -9.63 7.78
N GLY A 42 -3.37 -9.43 8.92
CA GLY A 42 -2.12 -10.08 9.27
C GLY A 42 -0.98 -9.68 8.33
N ARG A 43 -0.62 -8.40 8.30
CA ARG A 43 0.49 -7.91 7.48
C ARG A 43 1.69 -7.48 8.32
N ARG A 44 2.83 -7.32 7.64
CA ARG A 44 4.06 -6.70 8.14
C ARG A 44 4.12 -5.27 7.63
N ALA A 45 4.99 -4.44 8.19
CA ALA A 45 5.18 -3.08 7.71
C ALA A 45 5.75 -3.11 6.29
N VAL A 46 6.56 -4.12 5.94
CA VAL A 46 7.16 -4.26 4.60
C VAL A 46 6.11 -4.47 3.53
N ASP A 47 4.96 -5.00 3.92
CA ASP A 47 3.85 -5.20 3.00
C ASP A 47 3.26 -3.86 2.58
N LEU A 48 3.62 -2.76 3.24
CA LEU A 48 3.32 -1.39 2.83
C LEU A 48 4.46 -0.76 2.03
N ALA A 49 5.67 -1.33 2.13
CA ALA A 49 6.77 -0.97 1.29
C ALA A 49 6.70 -1.63 -0.09
N HIS A 50 6.35 -2.92 -0.16
CA HIS A 50 6.55 -3.74 -1.36
C HIS A 50 5.55 -3.46 -2.49
N LYS A 51 4.26 -3.59 -2.24
CA LYS A 51 3.19 -3.25 -3.15
C LYS A 51 3.25 -1.77 -3.53
N TYR A 52 3.56 -0.83 -2.63
CA TYR A 52 3.87 0.56 -2.99
C TYR A 52 4.92 0.61 -4.10
N HIS A 53 6.00 -0.15 -3.93
CA HIS A 53 7.06 -0.27 -4.92
C HIS A 53 6.51 -0.69 -6.30
N ARG A 54 5.51 -1.58 -6.33
CA ARG A 54 4.80 -1.97 -7.55
C ARG A 54 3.81 -0.90 -8.00
N LEU A 55 3.15 -0.20 -7.10
CA LEU A 55 2.16 0.83 -7.43
C LEU A 55 2.85 1.94 -8.24
N ILE A 56 4.03 2.40 -7.79
CA ILE A 56 4.82 3.39 -8.53
C ILE A 56 5.46 2.84 -9.82
N SER A 57 5.36 1.54 -10.09
CA SER A 57 5.84 0.93 -11.32
C SER A 57 4.82 1.18 -12.44
N GLY A 58 4.76 2.43 -12.89
CA GLY A 58 3.92 2.88 -13.99
C GLY A 58 2.45 3.00 -13.58
N PRO A 59 1.57 3.38 -14.52
CA PRO A 59 0.16 3.62 -14.24
C PRO A 59 -0.61 2.32 -13.94
N SER A 60 -0.19 1.19 -14.49
CA SER A 60 -0.97 -0.03 -14.49
C SER A 60 -0.01 -1.21 -14.61
N SER A 61 -0.25 -2.23 -13.79
CA SER A 61 0.51 -3.45 -13.61
C SER A 61 2.00 -3.21 -13.32
N GLY A 62 2.85 -3.00 -14.32
CA GLY A 62 4.28 -3.22 -14.20
C GLY A 62 4.51 -4.70 -14.01
N GLY A 1 8.78 -3.44 -15.68
CA GLY A 1 8.51 -4.88 -15.64
C GLY A 1 7.02 -5.16 -15.67
N SER A 2 6.65 -6.44 -15.67
CA SER A 2 5.31 -6.88 -16.05
C SER A 2 4.91 -8.15 -15.30
N SER A 3 3.63 -8.53 -15.33
CA SER A 3 3.18 -9.88 -14.98
C SER A 3 1.82 -10.17 -15.64
N GLY A 4 1.54 -11.45 -15.93
CA GLY A 4 0.32 -11.95 -16.56
C GLY A 4 -0.85 -12.06 -15.58
N SER A 5 -1.87 -12.86 -15.91
CA SER A 5 -3.00 -13.14 -15.01
C SER A 5 -2.47 -13.72 -13.70
N SER A 6 -2.83 -13.07 -12.60
CA SER A 6 -2.64 -13.53 -11.23
C SER A 6 -3.76 -12.96 -10.37
N GLY A 7 -4.72 -13.79 -9.98
CA GLY A 7 -5.74 -13.46 -8.99
C GLY A 7 -5.14 -13.57 -7.60
N ARG A 8 -4.05 -12.83 -7.33
CA ARG A 8 -3.55 -12.67 -5.98
C ARG A 8 -4.47 -11.66 -5.31
N LYS A 9 -4.35 -10.39 -5.70
CA LYS A 9 -5.20 -9.30 -5.24
C LYS A 9 -5.32 -9.36 -3.72
N ASP A 10 -4.16 -9.40 -3.07
CA ASP A 10 -4.04 -9.54 -1.64
C ASP A 10 -4.64 -8.31 -0.97
N PHE A 11 -4.18 -7.11 -1.33
CA PHE A 11 -4.78 -5.88 -0.85
C PHE A 11 -6.17 -5.72 -1.46
N THR A 12 -7.12 -5.19 -0.70
CA THR A 12 -8.42 -4.73 -1.19
C THR A 12 -8.27 -3.40 -1.94
N LYS A 13 -9.35 -2.85 -2.49
CA LYS A 13 -9.36 -1.46 -2.94
C LYS A 13 -9.13 -0.47 -1.80
N GLU A 14 -9.59 -0.82 -0.59
CA GLU A 14 -9.68 0.09 0.53
C GLU A 14 -8.29 0.36 1.06
N GLU A 15 -7.58 -0.73 1.38
CA GLU A 15 -6.26 -0.64 1.98
C GLU A 15 -5.26 0.03 1.05
N VAL A 16 -5.48 0.02 -0.26
CA VAL A 16 -4.64 0.74 -1.22
C VAL A 16 -4.93 2.23 -1.15
N ASN A 17 -6.19 2.63 -0.98
CA ASN A 17 -6.55 4.03 -0.79
C ASN A 17 -5.86 4.54 0.47
N TYR A 18 -5.96 3.78 1.56
CA TYR A 18 -5.28 4.08 2.83
C TYR A 18 -3.77 4.03 2.71
N LEU A 19 -3.22 3.19 1.84
CA LEU A 19 -1.78 3.15 1.59
C LEU A 19 -1.35 4.55 1.14
N PHE A 20 -1.98 5.10 0.11
CA PHE A 20 -1.69 6.43 -0.38
C PHE A 20 -1.98 7.48 0.70
N HIS A 21 -3.13 7.43 1.37
CA HIS A 21 -3.49 8.39 2.42
C HIS A 21 -2.48 8.35 3.57
N GLY A 22 -1.96 7.18 3.90
CA GLY A 22 -0.95 6.95 4.92
C GLY A 22 0.37 7.58 4.50
N VAL A 23 0.88 7.24 3.32
CA VAL A 23 2.13 7.82 2.83
C VAL A 23 2.00 9.36 2.70
N LYS A 24 0.79 9.88 2.47
CA LYS A 24 0.57 11.31 2.31
C LYS A 24 0.86 12.04 3.61
N THR A 25 0.53 11.43 4.75
CA THR A 25 0.69 12.06 6.05
C THR A 25 2.01 11.66 6.72
N MET A 26 2.48 10.41 6.53
CA MET A 26 3.64 9.87 7.21
C MET A 26 4.93 9.99 6.38
N GLY A 27 4.83 10.33 5.08
CA GLY A 27 5.91 10.00 4.16
C GLY A 27 6.10 8.49 4.19
N ASN A 28 7.35 8.05 4.06
CA ASN A 28 7.72 6.64 3.95
C ASN A 28 7.37 5.76 5.14
N HIS A 29 6.79 6.24 6.25
CA HIS A 29 6.95 5.46 7.47
C HIS A 29 5.92 4.32 7.51
N TRP A 30 6.36 3.13 7.10
CA TRP A 30 5.49 1.99 6.88
C TRP A 30 4.91 1.47 8.18
N ASN A 31 5.74 1.41 9.22
CA ASN A 31 5.32 0.86 10.50
C ASN A 31 4.16 1.68 11.08
N SER A 32 4.26 3.02 10.99
CA SER A 32 3.21 3.95 11.35
C SER A 32 1.94 3.76 10.52
N ILE A 33 2.04 3.61 9.20
CA ILE A 33 0.90 3.39 8.31
C ILE A 33 0.16 2.13 8.75
N LEU A 34 0.89 1.04 9.01
CA LEU A 34 0.30 -0.25 9.35
C LEU A 34 -0.54 -0.18 10.63
N TRP A 35 -0.29 0.81 11.47
CA TRP A 35 -1.10 1.08 12.64
C TRP A 35 -2.16 2.16 12.37
N SER A 36 -1.87 3.14 11.50
CA SER A 36 -2.80 4.25 11.25
C SER A 36 -4.13 3.85 10.61
N PHE A 37 -4.23 2.68 10.00
CA PHE A 37 -5.46 2.22 9.35
C PHE A 37 -5.69 0.78 9.77
N PRO A 38 -6.94 0.30 9.86
CA PRO A 38 -7.17 -1.09 10.19
C PRO A 38 -6.84 -1.87 8.92
N PHE A 39 -5.70 -2.57 8.94
CA PHE A 39 -5.22 -3.36 7.82
C PHE A 39 -5.60 -4.83 8.10
N GLN A 40 -5.28 -5.73 7.17
CA GLN A 40 -5.52 -7.16 7.40
C GLN A 40 -4.68 -7.64 8.59
N LYS A 41 -5.15 -8.68 9.29
CA LYS A 41 -4.33 -9.45 10.22
C LYS A 41 -3.12 -10.04 9.48
N GLY A 42 -2.06 -10.41 10.21
CA GLY A 42 -0.88 -11.04 9.64
C GLY A 42 -0.11 -10.16 8.64
N ARG A 43 -0.44 -8.87 8.53
CA ARG A 43 0.30 -7.94 7.70
C ARG A 43 1.62 -7.60 8.35
N ARG A 44 2.49 -7.02 7.53
CA ARG A 44 3.79 -6.54 7.95
C ARG A 44 3.94 -5.13 7.39
N ALA A 45 4.83 -4.33 7.97
CA ALA A 45 5.12 -3.02 7.41
C ALA A 45 5.68 -3.17 5.99
N VAL A 46 6.47 -4.22 5.73
CA VAL A 46 7.09 -4.50 4.43
C VAL A 46 6.06 -4.75 3.35
N ASP A 47 4.88 -5.25 3.73
CA ASP A 47 3.81 -5.54 2.78
C ASP A 47 3.40 -4.22 2.12
N LEU A 48 3.33 -3.14 2.91
CA LEU A 48 2.99 -1.80 2.46
C LEU A 48 4.08 -1.26 1.55
N ALA A 49 5.33 -1.39 1.98
CA ALA A 49 6.50 -0.92 1.27
C ALA A 49 6.53 -1.61 -0.09
N HIS A 50 6.33 -2.93 -0.11
CA HIS A 50 6.33 -3.70 -1.33
C HIS A 50 5.21 -3.22 -2.26
N LYS A 51 3.95 -3.15 -1.80
CA LYS A 51 2.82 -2.68 -2.55
C LYS A 51 3.16 -1.34 -3.20
N TYR A 52 3.58 -0.37 -2.40
CA TYR A 52 3.94 0.96 -2.84
C TYR A 52 5.05 0.94 -3.88
N HIS A 53 6.09 0.13 -3.66
CA HIS A 53 7.17 -0.03 -4.62
C HIS A 53 6.61 -0.52 -5.95
N ARG A 54 5.75 -1.55 -5.95
CA ARG A 54 5.08 -2.00 -7.17
C ARG A 54 4.18 -0.92 -7.75
N LEU A 55 3.67 0.00 -6.95
CA LEU A 55 2.86 1.11 -7.47
C LEU A 55 3.69 2.26 -8.06
N ILE A 56 5.00 2.34 -7.79
CA ILE A 56 5.90 3.26 -8.49
C ILE A 56 6.70 2.53 -9.59
N SER A 57 6.84 1.21 -9.51
CA SER A 57 7.69 0.38 -10.33
C SER A 57 7.19 -1.07 -10.19
N GLY A 58 6.16 -1.46 -10.95
CA GLY A 58 5.57 -2.78 -10.81
C GLY A 58 4.62 -3.13 -11.96
N PRO A 59 3.83 -4.20 -11.84
CA PRO A 59 2.83 -4.62 -12.82
C PRO A 59 1.53 -3.81 -12.65
N SER A 60 1.63 -2.49 -12.46
CA SER A 60 0.50 -1.64 -12.14
C SER A 60 -0.52 -1.71 -13.29
N SER A 61 -1.76 -2.10 -12.99
CA SER A 61 -2.92 -2.13 -13.87
C SER A 61 -4.15 -2.18 -12.97
N GLY A 62 -5.35 -1.91 -13.51
CA GLY A 62 -6.59 -1.89 -12.74
C GLY A 62 -7.10 -3.30 -12.53
N GLY A 1 -1.90 8.10 -6.53
CA GLY A 1 -3.03 7.26 -6.09
C GLY A 1 -3.58 6.39 -7.21
N SER A 2 -2.73 5.58 -7.83
CA SER A 2 -3.09 4.70 -8.95
C SER A 2 -4.04 3.57 -8.54
N SER A 3 -4.63 2.91 -9.53
CA SER A 3 -5.52 1.79 -9.33
C SER A 3 -4.79 0.60 -8.73
N GLY A 4 -5.47 -0.14 -7.85
CA GLY A 4 -5.03 -1.41 -7.31
C GLY A 4 -5.32 -2.57 -8.27
N SER A 5 -5.28 -2.35 -9.59
CA SER A 5 -5.65 -3.34 -10.60
C SER A 5 -4.78 -4.60 -10.47
N SER A 6 -3.48 -4.48 -10.71
CA SER A 6 -2.56 -5.62 -10.72
C SER A 6 -2.24 -6.02 -9.27
N GLY A 7 -3.14 -6.74 -8.62
CA GLY A 7 -2.93 -7.21 -7.26
C GLY A 7 -4.22 -7.76 -6.68
N ARG A 8 -4.98 -6.90 -6.01
CA ARG A 8 -6.33 -7.06 -5.47
C ARG A 8 -6.52 -8.14 -4.40
N LYS A 9 -5.95 -9.34 -4.55
CA LYS A 9 -6.10 -10.41 -3.56
C LYS A 9 -5.44 -10.02 -2.25
N ASP A 10 -4.14 -9.70 -2.31
CA ASP A 10 -3.27 -9.46 -1.18
C ASP A 10 -3.58 -8.09 -0.55
N PHE A 11 -4.15 -7.16 -1.33
CA PHE A 11 -4.30 -5.75 -1.00
C PHE A 11 -5.62 -5.29 -1.59
N THR A 12 -6.63 -4.99 -0.78
CA THR A 12 -7.94 -4.55 -1.28
C THR A 12 -7.87 -3.15 -1.91
N LYS A 13 -8.90 -2.69 -2.64
CA LYS A 13 -8.89 -1.32 -3.16
C LYS A 13 -8.91 -0.31 -2.03
N GLU A 14 -9.57 -0.64 -0.93
CA GLU A 14 -9.70 0.24 0.22
C GLU A 14 -8.33 0.41 0.85
N GLU A 15 -7.61 -0.70 1.03
CA GLU A 15 -6.27 -0.67 1.57
C GLU A 15 -5.35 0.14 0.67
N VAL A 16 -5.40 -0.04 -0.65
CA VAL A 16 -4.56 0.71 -1.58
C VAL A 16 -4.84 2.20 -1.43
N ASN A 17 -6.10 2.58 -1.29
CA ASN A 17 -6.48 3.97 -1.06
C ASN A 17 -5.84 4.51 0.22
N TYR A 18 -5.97 3.79 1.34
CA TYR A 18 -5.30 4.10 2.60
C TYR A 18 -3.80 4.21 2.38
N LEU A 19 -3.19 3.33 1.60
CA LEU A 19 -1.74 3.29 1.41
C LEU A 19 -1.23 4.67 0.98
N PHE A 20 -1.85 5.23 -0.06
CA PHE A 20 -1.53 6.55 -0.56
C PHE A 20 -1.83 7.64 0.48
N HIS A 21 -3.01 7.61 1.10
CA HIS A 21 -3.40 8.56 2.13
C HIS A 21 -2.38 8.60 3.28
N GLY A 22 -1.98 7.44 3.79
CA GLY A 22 -0.97 7.28 4.82
C GLY A 22 0.33 7.92 4.38
N VAL A 23 0.86 7.52 3.23
CA VAL A 23 2.15 8.01 2.74
C VAL A 23 2.14 9.54 2.50
N LYS A 24 0.98 10.20 2.43
CA LYS A 24 0.92 11.66 2.36
C LYS A 24 1.37 12.23 3.70
N THR A 25 0.72 11.86 4.80
CA THR A 25 0.94 12.43 6.11
C THR A 25 2.19 11.80 6.75
N MET A 26 2.36 10.48 6.63
CA MET A 26 3.47 9.78 7.24
C MET A 26 4.78 9.95 6.47
N GLY A 27 4.72 10.18 5.15
CA GLY A 27 5.84 9.86 4.29
C GLY A 27 6.11 8.37 4.37
N ASN A 28 7.38 7.96 4.33
CA ASN A 28 7.78 6.56 4.18
C ASN A 28 7.57 5.70 5.44
N HIS A 29 6.94 6.19 6.52
CA HIS A 29 6.85 5.38 7.74
C HIS A 29 5.83 4.27 7.54
N TRP A 30 6.30 3.07 7.22
CA TRP A 30 5.42 1.94 6.96
C TRP A 30 4.81 1.46 8.25
N ASN A 31 5.60 1.33 9.32
CA ASN A 31 5.16 0.97 10.65
C ASN A 31 3.96 1.80 11.09
N SER A 32 4.09 3.13 11.04
CA SER A 32 3.06 4.06 11.46
C SER A 32 1.75 3.79 10.73
N ILE A 33 1.79 3.67 9.40
CA ILE A 33 0.66 3.37 8.54
C ILE A 33 0.02 2.06 8.96
N LEU A 34 0.84 1.02 9.11
CA LEU A 34 0.40 -0.34 9.37
C LEU A 34 -0.39 -0.44 10.68
N TRP A 35 -0.03 0.35 11.69
CA TRP A 35 -0.87 0.55 12.86
C TRP A 35 -2.08 1.43 12.53
N SER A 36 -1.86 2.56 11.86
CA SER A 36 -2.85 3.61 11.70
C SER A 36 -4.10 3.18 10.94
N PHE A 37 -4.01 2.22 10.01
CA PHE A 37 -5.13 1.83 9.15
C PHE A 37 -5.19 0.29 9.12
N PRO A 38 -6.39 -0.30 8.97
CA PRO A 38 -6.57 -1.74 9.05
C PRO A 38 -6.18 -2.41 7.72
N PHE A 39 -5.07 -3.16 7.71
CA PHE A 39 -4.55 -3.85 6.53
C PHE A 39 -4.70 -5.35 6.70
N GLN A 40 -5.56 -5.95 5.87
CA GLN A 40 -6.12 -7.30 5.96
C GLN A 40 -6.26 -7.74 7.43
N LYS A 41 -5.98 -9.01 7.71
CA LYS A 41 -5.36 -9.41 8.96
C LYS A 41 -3.91 -9.81 8.60
N GLY A 42 -3.04 -9.83 9.61
CA GLY A 42 -1.72 -10.43 9.55
C GLY A 42 -0.79 -9.81 8.53
N ARG A 43 -0.66 -8.48 8.50
CA ARG A 43 0.28 -7.76 7.64
C ARG A 43 1.46 -7.24 8.43
N ARG A 44 2.51 -6.84 7.71
CA ARG A 44 3.77 -6.32 8.24
C ARG A 44 3.97 -4.93 7.66
N ALA A 45 4.84 -4.13 8.27
CA ALA A 45 5.25 -2.85 7.67
C ALA A 45 5.77 -3.05 6.24
N VAL A 46 6.61 -4.07 6.03
CA VAL A 46 7.25 -4.34 4.73
C VAL A 46 6.24 -4.64 3.63
N ASP A 47 5.07 -5.18 4.01
CA ASP A 47 4.05 -5.50 3.02
C ASP A 47 3.66 -4.24 2.26
N LEU A 48 3.55 -3.13 2.99
CA LEU A 48 3.21 -1.83 2.46
C LEU A 48 4.33 -1.32 1.56
N ALA A 49 5.60 -1.56 1.93
CA ALA A 49 6.77 -1.10 1.20
C ALA A 49 6.80 -1.80 -0.15
N HIS A 50 6.76 -3.15 -0.12
CA HIS A 50 6.68 -3.95 -1.34
C HIS A 50 5.51 -3.51 -2.22
N LYS A 51 4.31 -3.38 -1.64
CA LYS A 51 3.14 -2.97 -2.40
C LYS A 51 3.40 -1.63 -3.07
N TYR A 52 3.79 -0.66 -2.27
CA TYR A 52 3.96 0.72 -2.66
C TYR A 52 4.92 0.81 -3.85
N HIS A 53 6.06 0.14 -3.77
CA HIS A 53 7.01 0.11 -4.87
C HIS A 53 6.33 -0.41 -6.14
N ARG A 54 5.59 -1.52 -6.05
CA ARG A 54 4.81 -2.01 -7.20
C ARG A 54 3.72 -1.04 -7.64
N LEU A 55 3.09 -0.29 -6.74
CA LEU A 55 2.06 0.67 -7.09
C LEU A 55 2.64 1.85 -7.86
N ILE A 56 3.83 2.34 -7.50
CA ILE A 56 4.40 3.54 -8.10
C ILE A 56 5.33 3.20 -9.28
N SER A 57 5.93 2.01 -9.28
CA SER A 57 6.87 1.55 -10.29
C SER A 57 6.50 0.07 -10.57
N GLY A 58 5.42 -0.15 -11.30
CA GLY A 58 4.84 -1.49 -11.45
C GLY A 58 5.38 -2.21 -12.68
N PRO A 59 5.53 -3.54 -12.64
CA PRO A 59 5.82 -4.35 -13.82
C PRO A 59 4.55 -4.52 -14.66
N SER A 60 4.06 -3.41 -15.22
CA SER A 60 2.95 -3.41 -16.15
C SER A 60 3.37 -4.11 -17.44
N SER A 61 2.41 -4.56 -18.24
CA SER A 61 2.63 -5.58 -19.27
C SER A 61 1.75 -5.34 -20.51
N GLY A 62 1.09 -4.18 -20.62
CA GLY A 62 -0.07 -3.97 -21.48
C GLY A 62 -1.28 -3.75 -20.60
N GLY A 1 -0.57 12.52 -12.50
CA GLY A 1 -0.75 11.85 -11.21
C GLY A 1 0.34 10.83 -10.98
N SER A 2 0.36 9.74 -11.76
CA SER A 2 1.10 8.53 -11.45
C SER A 2 0.57 7.93 -10.14
N SER A 3 -0.62 7.35 -10.23
CA SER A 3 -1.27 6.59 -9.16
C SER A 3 -1.00 5.10 -9.30
N GLY A 4 -0.78 4.57 -10.51
CA GLY A 4 -0.44 3.17 -10.73
C GLY A 4 -1.69 2.28 -10.75
N SER A 5 -2.51 2.35 -9.70
CA SER A 5 -3.82 1.69 -9.54
C SER A 5 -3.88 0.25 -10.08
N SER A 6 -3.25 -0.69 -9.37
CA SER A 6 -3.50 -2.12 -9.46
C SER A 6 -3.58 -2.69 -8.03
N GLY A 7 -4.42 -3.72 -7.81
CA GLY A 7 -4.57 -4.47 -6.56
C GLY A 7 -5.99 -5.01 -6.43
N ARG A 8 -6.17 -6.22 -5.85
CA ARG A 8 -7.50 -6.79 -5.58
C ARG A 8 -7.48 -7.64 -4.31
N LYS A 9 -7.14 -8.93 -4.42
CA LYS A 9 -7.05 -9.86 -3.28
C LYS A 9 -6.07 -9.33 -2.26
N ASP A 10 -4.86 -9.04 -2.74
CA ASP A 10 -3.71 -8.81 -1.90
C ASP A 10 -3.88 -7.51 -1.14
N PHE A 11 -4.25 -6.48 -1.88
CA PHE A 11 -4.43 -5.12 -1.44
C PHE A 11 -5.64 -4.62 -2.21
N THR A 12 -6.80 -4.70 -1.56
CA THR A 12 -8.08 -4.30 -2.09
C THR A 12 -8.15 -2.76 -2.11
N LYS A 13 -9.12 -2.19 -2.84
CA LYS A 13 -9.18 -0.75 -3.08
C LYS A 13 -9.13 0.06 -1.79
N GLU A 14 -9.75 -0.44 -0.72
CA GLU A 14 -9.86 0.30 0.53
C GLU A 14 -8.46 0.47 1.10
N GLU A 15 -7.76 -0.67 1.28
CA GLU A 15 -6.42 -0.73 1.83
C GLU A 15 -5.44 0.05 0.95
N VAL A 16 -5.59 0.01 -0.38
CA VAL A 16 -4.72 0.73 -1.32
C VAL A 16 -4.94 2.23 -1.20
N ASN A 17 -6.18 2.67 -0.97
CA ASN A 17 -6.47 4.06 -0.71
C ASN A 17 -5.89 4.46 0.62
N TYR A 18 -6.06 3.66 1.68
CA TYR A 18 -5.44 3.93 2.98
C TYR A 18 -3.91 3.97 2.87
N LEU A 19 -3.33 3.14 2.00
CA LEU A 19 -1.91 3.14 1.72
C LEU A 19 -1.50 4.52 1.23
N PHE A 20 -2.14 5.02 0.16
CA PHE A 20 -1.85 6.33 -0.40
C PHE A 20 -2.14 7.43 0.62
N HIS A 21 -3.28 7.37 1.33
CA HIS A 21 -3.66 8.31 2.37
C HIS A 21 -2.55 8.41 3.41
N GLY A 22 -1.98 7.27 3.83
CA GLY A 22 -0.90 7.14 4.78
C GLY A 22 0.39 7.75 4.23
N VAL A 23 0.85 7.29 3.07
CA VAL A 23 2.09 7.76 2.46
C VAL A 23 1.99 9.25 2.08
N LYS A 24 0.79 9.82 1.99
CA LYS A 24 0.60 11.24 1.76
C LYS A 24 0.77 12.01 3.06
N THR A 25 0.27 11.48 4.18
CA THR A 25 0.18 12.19 5.45
C THR A 25 1.37 11.90 6.37
N MET A 26 2.19 10.88 6.05
CA MET A 26 3.41 10.54 6.75
C MET A 26 4.60 10.49 5.80
N GLY A 27 4.45 9.80 4.68
CA GLY A 27 5.58 9.40 3.83
C GLY A 27 5.94 7.95 4.12
N ASN A 28 7.21 7.60 3.86
CA ASN A 28 7.79 6.27 3.97
C ASN A 28 7.80 5.62 5.38
N HIS A 29 7.04 6.13 6.35
CA HIS A 29 6.88 5.43 7.61
C HIS A 29 5.88 4.31 7.39
N TRP A 30 6.39 3.11 7.14
CA TRP A 30 5.59 1.95 6.85
C TRP A 30 4.95 1.42 8.12
N ASN A 31 5.74 1.29 9.19
CA ASN A 31 5.28 0.73 10.46
C ASN A 31 4.19 1.64 11.04
N SER A 32 4.39 2.96 10.99
CA SER A 32 3.39 3.91 11.46
C SER A 32 2.07 3.77 10.72
N ILE A 33 2.07 3.74 9.38
CA ILE A 33 0.86 3.56 8.57
C ILE A 33 0.20 2.24 8.95
N LEU A 34 0.98 1.16 9.09
CA LEU A 34 0.51 -0.17 9.40
C LEU A 34 -0.39 -0.16 10.63
N TRP A 35 0.04 0.51 11.70
CA TRP A 35 -0.73 0.59 12.93
C TRP A 35 -1.75 1.75 12.87
N SER A 36 -1.46 2.81 12.12
CA SER A 36 -2.38 3.93 11.92
C SER A 36 -3.70 3.43 11.30
N PHE A 37 -3.70 3.01 10.04
CA PHE A 37 -4.91 2.70 9.29
C PHE A 37 -5.32 1.25 9.59
N PRO A 38 -6.61 0.88 9.59
CA PRO A 38 -7.00 -0.46 10.00
C PRO A 38 -6.80 -1.41 8.83
N PHE A 39 -5.78 -2.28 8.89
CA PHE A 39 -5.38 -3.13 7.77
C PHE A 39 -5.70 -4.59 8.06
N GLN A 40 -5.87 -5.36 6.98
CA GLN A 40 -6.18 -6.79 7.03
C GLN A 40 -5.11 -7.51 7.86
N LYS A 41 -5.56 -8.34 8.80
CA LYS A 41 -4.69 -9.14 9.65
C LYS A 41 -3.96 -10.13 8.76
N GLY A 42 -2.64 -10.01 8.73
CA GLY A 42 -1.73 -10.63 7.78
C GLY A 42 -0.78 -9.59 7.18
N ARG A 43 -1.17 -8.30 7.16
CA ARG A 43 -0.30 -7.21 6.75
C ARG A 43 0.90 -7.09 7.69
N ARG A 44 2.05 -6.73 7.13
CA ARG A 44 3.25 -6.30 7.83
C ARG A 44 3.57 -4.89 7.36
N ALA A 45 4.58 -4.24 7.93
CA ALA A 45 5.13 -3.02 7.36
C ALA A 45 5.61 -3.29 5.93
N VAL A 46 6.27 -4.43 5.70
CA VAL A 46 6.87 -4.78 4.41
C VAL A 46 5.82 -4.96 3.31
N ASP A 47 4.62 -5.42 3.68
CA ASP A 47 3.49 -5.54 2.74
C ASP A 47 3.29 -4.19 2.06
N LEU A 48 3.22 -3.14 2.88
CA LEU A 48 2.92 -1.77 2.50
C LEU A 48 4.02 -1.24 1.61
N ALA A 49 5.27 -1.40 2.07
CA ALA A 49 6.45 -0.91 1.41
C ALA A 49 6.50 -1.56 0.03
N HIS A 50 6.33 -2.88 -0.02
CA HIS A 50 6.36 -3.62 -1.25
C HIS A 50 5.29 -3.16 -2.22
N LYS A 51 4.03 -3.09 -1.77
CA LYS A 51 2.90 -2.71 -2.59
C LYS A 51 3.19 -1.35 -3.25
N TYR A 52 3.63 -0.39 -2.46
CA TYR A 52 3.95 0.95 -2.90
C TYR A 52 5.12 0.93 -3.88
N HIS A 53 6.20 0.24 -3.52
CA HIS A 53 7.42 0.12 -4.31
C HIS A 53 7.13 -0.49 -5.69
N ARG A 54 6.21 -1.47 -5.76
CA ARG A 54 5.65 -1.96 -7.01
C ARG A 54 4.83 -0.85 -7.68
N LEU A 55 3.85 -0.23 -6.98
CA LEU A 55 2.95 0.78 -7.57
C LEU A 55 3.67 1.99 -8.16
N ILE A 56 4.85 2.37 -7.69
CA ILE A 56 5.62 3.47 -8.27
C ILE A 56 6.43 3.03 -9.49
N SER A 57 6.57 1.72 -9.76
CA SER A 57 7.35 1.17 -10.86
C SER A 57 8.79 1.70 -10.93
N GLY A 58 9.32 2.23 -9.83
CA GLY A 58 10.53 3.05 -9.86
C GLY A 58 11.79 2.21 -10.08
N PRO A 59 12.90 2.85 -10.48
CA PRO A 59 14.15 2.16 -10.83
C PRO A 59 14.72 1.53 -9.57
N SER A 60 14.49 0.22 -9.43
CA SER A 60 14.85 -0.60 -8.29
C SER A 60 14.39 -2.01 -8.62
N SER A 61 15.35 -2.89 -8.90
CA SER A 61 15.17 -4.33 -9.10
C SER A 61 13.96 -4.59 -10.02
N GLY A 62 14.05 -4.09 -11.24
CA GLY A 62 12.96 -4.17 -12.22
C GLY A 62 13.07 -5.46 -12.97
N GLY A 1 -6.11 7.94 -10.93
CA GLY A 1 -7.37 7.18 -11.00
C GLY A 1 -7.23 6.04 -11.98
N SER A 2 -7.21 4.80 -11.50
CA SER A 2 -7.37 3.59 -12.29
C SER A 2 -7.80 2.56 -11.26
N SER A 3 -9.09 2.21 -11.27
CA SER A 3 -9.66 1.26 -10.32
C SER A 3 -8.99 -0.11 -10.44
N GLY A 4 -9.12 -0.95 -9.41
CA GLY A 4 -8.52 -2.27 -9.36
C GLY A 4 -9.50 -3.26 -8.72
N SER A 5 -9.25 -4.55 -8.92
CA SER A 5 -10.15 -5.65 -8.57
C SER A 5 -9.32 -6.80 -8.03
N SER A 6 -9.79 -7.45 -6.96
CA SER A 6 -9.10 -8.55 -6.31
C SER A 6 -10.11 -9.55 -5.72
N GLY A 7 -11.26 -9.06 -5.26
CA GLY A 7 -12.16 -9.73 -4.35
C GLY A 7 -11.51 -9.83 -2.97
N ARG A 8 -10.54 -10.73 -2.82
CA ARG A 8 -9.84 -11.01 -1.57
C ARG A 8 -8.36 -11.12 -1.84
N LYS A 9 -7.58 -11.24 -0.75
CA LYS A 9 -6.13 -11.27 -0.76
C LYS A 9 -5.59 -10.04 -1.50
N ASP A 10 -4.28 -10.05 -1.78
CA ASP A 10 -3.48 -8.87 -2.11
C ASP A 10 -3.79 -7.76 -1.10
N PHE A 11 -3.57 -6.50 -1.50
CA PHE A 11 -4.26 -5.38 -0.91
C PHE A 11 -5.59 -5.29 -1.64
N THR A 12 -6.68 -5.27 -0.89
CA THR A 12 -7.97 -4.81 -1.40
C THR A 12 -7.81 -3.33 -1.78
N LYS A 13 -8.64 -2.82 -2.69
CA LYS A 13 -8.48 -1.46 -3.22
C LYS A 13 -8.59 -0.42 -2.10
N GLU A 14 -9.36 -0.71 -1.04
CA GLU A 14 -9.46 0.14 0.15
C GLU A 14 -8.08 0.31 0.79
N GLU A 15 -7.35 -0.80 1.02
CA GLU A 15 -6.05 -0.75 1.65
C GLU A 15 -5.05 0.04 0.80
N VAL A 16 -5.18 0.05 -0.52
CA VAL A 16 -4.35 0.86 -1.41
C VAL A 16 -4.65 2.35 -1.27
N ASN A 17 -5.91 2.70 -0.97
CA ASN A 17 -6.27 4.08 -0.70
C ASN A 17 -5.58 4.51 0.59
N TYR A 18 -5.76 3.74 1.65
CA TYR A 18 -5.15 4.01 2.95
C TYR A 18 -3.63 4.02 2.86
N LEU A 19 -3.04 3.20 2.00
CA LEU A 19 -1.61 3.20 1.71
C LEU A 19 -1.20 4.60 1.26
N PHE A 20 -1.79 5.12 0.18
CA PHE A 20 -1.50 6.44 -0.34
C PHE A 20 -1.76 7.51 0.74
N HIS A 21 -2.91 7.45 1.40
CA HIS A 21 -3.30 8.42 2.41
C HIS A 21 -2.28 8.45 3.55
N GLY A 22 -1.75 7.30 3.94
CA GLY A 22 -0.70 7.16 4.93
C GLY A 22 0.58 7.82 4.45
N VAL A 23 1.08 7.46 3.27
CA VAL A 23 2.32 8.02 2.72
C VAL A 23 2.20 9.55 2.51
N LYS A 24 0.98 10.08 2.37
CA LYS A 24 0.72 11.50 2.16
C LYS A 24 0.97 12.27 3.45
N THR A 25 0.56 11.71 4.59
CA THR A 25 0.58 12.39 5.87
C THR A 25 1.83 12.02 6.67
N MET A 26 2.27 10.76 6.61
CA MET A 26 3.58 10.33 7.07
C MET A 26 4.55 10.57 5.91
N GLY A 27 4.98 9.52 5.21
CA GLY A 27 6.02 9.63 4.19
C GLY A 27 6.66 8.28 3.94
N ASN A 28 7.63 7.85 4.75
CA ASN A 28 8.17 6.48 4.61
C ASN A 28 8.04 5.67 5.89
N HIS A 29 7.41 6.20 6.94
CA HIS A 29 7.17 5.41 8.14
C HIS A 29 6.03 4.45 7.85
N TRP A 30 6.39 3.22 7.53
CA TRP A 30 5.46 2.13 7.24
C TRP A 30 4.92 1.54 8.54
N ASN A 31 5.74 1.49 9.59
CA ASN A 31 5.37 0.93 10.89
C ASN A 31 4.10 1.63 11.42
N SER A 32 4.09 2.95 11.36
CA SER A 32 2.95 3.81 11.71
C SER A 32 1.70 3.42 10.91
N ILE A 33 1.78 3.49 9.58
CA ILE A 33 0.68 3.29 8.65
C ILE A 33 -0.03 1.97 8.94
N LEU A 34 0.73 0.89 9.16
CA LEU A 34 0.21 -0.45 9.33
C LEU A 34 -0.74 -0.58 10.54
N TRP A 35 -0.71 0.39 11.46
CA TRP A 35 -1.62 0.48 12.60
C TRP A 35 -2.56 1.69 12.46
N SER A 36 -2.10 2.77 11.79
CA SER A 36 -2.89 3.98 11.57
C SER A 36 -4.12 3.74 10.70
N PHE A 37 -4.18 2.66 9.92
CA PHE A 37 -5.32 2.31 9.09
C PHE A 37 -5.53 0.79 9.17
N PRO A 38 -6.76 0.29 8.95
CA PRO A 38 -7.05 -1.12 9.11
C PRO A 38 -6.47 -1.92 7.93
N PHE A 39 -5.42 -2.71 8.18
CA PHE A 39 -4.82 -3.63 7.22
C PHE A 39 -5.00 -5.06 7.71
N GLN A 40 -4.94 -6.04 6.79
CA GLN A 40 -5.14 -7.46 7.09
C GLN A 40 -4.29 -7.94 8.26
N LYS A 41 -4.82 -8.94 8.97
CA LYS A 41 -4.16 -9.55 10.10
C LYS A 41 -2.85 -10.18 9.61
N GLY A 42 -1.82 -10.14 10.43
CA GLY A 42 -0.52 -10.73 10.15
C GLY A 42 0.31 -9.96 9.12
N ARG A 43 -0.19 -8.86 8.52
CA ARG A 43 0.62 -8.04 7.63
C ARG A 43 1.85 -7.53 8.35
N ARG A 44 2.91 -7.26 7.59
CA ARG A 44 4.15 -6.68 8.10
C ARG A 44 4.30 -5.28 7.54
N ALA A 45 5.13 -4.44 8.17
CA ALA A 45 5.37 -3.09 7.67
C ALA A 45 5.87 -3.12 6.21
N VAL A 46 6.59 -4.18 5.86
CA VAL A 46 7.20 -4.33 4.53
C VAL A 46 6.18 -4.44 3.43
N ASP A 47 5.00 -4.98 3.77
CA ASP A 47 3.92 -5.20 2.83
C ASP A 47 3.55 -3.88 2.16
N LEU A 48 3.51 -2.82 2.97
CA LEU A 48 3.15 -1.48 2.56
C LEU A 48 4.19 -0.95 1.58
N ALA A 49 5.46 -1.08 1.96
CA ALA A 49 6.58 -0.63 1.17
C ALA A 49 6.57 -1.37 -0.17
N HIS A 50 6.33 -2.68 -0.13
CA HIS A 50 6.33 -3.52 -1.31
C HIS A 50 5.17 -3.17 -2.24
N LYS A 51 3.94 -3.01 -1.74
CA LYS A 51 2.80 -2.62 -2.53
C LYS A 51 3.02 -1.26 -3.18
N TYR A 52 3.62 -0.31 -2.48
CA TYR A 52 3.95 0.99 -3.01
C TYR A 52 4.95 0.85 -4.16
N HIS A 53 5.96 -0.01 -4.01
CA HIS A 53 6.87 -0.33 -5.10
C HIS A 53 6.10 -0.95 -6.28
N ARG A 54 5.22 -1.94 -6.04
CA ARG A 54 4.35 -2.50 -7.08
C ARG A 54 3.59 -1.37 -7.78
N LEU A 55 3.08 -0.40 -7.03
CA LEU A 55 2.29 0.70 -7.59
C LEU A 55 3.16 1.61 -8.46
N ILE A 56 4.21 2.24 -7.90
CA ILE A 56 4.99 3.25 -8.63
C ILE A 56 5.70 2.66 -9.86
N SER A 57 6.07 1.39 -9.83
CA SER A 57 6.71 0.72 -10.95
C SER A 57 6.31 -0.74 -10.89
N GLY A 58 5.42 -1.17 -11.77
CA GLY A 58 4.83 -2.50 -11.76
C GLY A 58 5.40 -3.39 -12.86
N PRO A 59 5.04 -4.68 -12.85
CA PRO A 59 5.35 -5.63 -13.92
C PRO A 59 4.64 -5.20 -15.21
N SER A 60 5.36 -4.71 -16.22
CA SER A 60 4.78 -4.24 -17.47
C SER A 60 5.67 -4.63 -18.65
N SER A 61 5.11 -4.61 -19.86
CA SER A 61 5.80 -5.03 -21.08
C SER A 61 6.82 -4.00 -21.54
N GLY A 62 7.67 -4.37 -22.51
CA GLY A 62 8.70 -3.52 -23.06
C GLY A 62 10.00 -3.73 -22.31
N GLY A 1 -6.12 8.54 -8.46
CA GLY A 1 -7.17 7.73 -7.83
C GLY A 1 -7.39 6.43 -8.61
N SER A 2 -7.67 5.34 -7.90
CA SER A 2 -7.88 4.02 -8.47
C SER A 2 -9.03 4.06 -9.47
N SER A 3 -8.79 3.53 -10.68
CA SER A 3 -9.83 3.36 -11.68
C SER A 3 -9.62 2.00 -12.34
N GLY A 4 -8.77 1.90 -13.36
CA GLY A 4 -8.60 0.69 -14.15
C GLY A 4 -7.88 -0.41 -13.38
N SER A 5 -6.61 -0.20 -13.06
CA SER A 5 -5.75 -1.19 -12.39
C SER A 5 -6.31 -1.59 -11.02
N SER A 6 -6.39 -0.64 -10.08
CA SER A 6 -7.03 -0.83 -8.78
C SER A 6 -6.47 -2.04 -8.00
N GLY A 7 -7.20 -2.47 -6.96
CA GLY A 7 -6.90 -3.65 -6.18
C GLY A 7 -7.25 -4.90 -6.99
N ARG A 8 -6.25 -5.51 -7.64
CA ARG A 8 -6.43 -6.76 -8.39
C ARG A 8 -5.46 -7.86 -8.00
N LYS A 9 -4.32 -7.55 -7.37
CA LYS A 9 -3.27 -8.51 -7.03
C LYS A 9 -2.80 -8.19 -5.62
N ASP A 10 -3.50 -8.76 -4.65
CA ASP A 10 -3.55 -8.39 -3.22
C ASP A 10 -3.98 -6.94 -3.01
N PHE A 11 -4.39 -6.65 -1.78
CA PHE A 11 -5.04 -5.47 -1.25
C PHE A 11 -6.41 -5.27 -1.92
N THR A 12 -7.35 -4.78 -1.11
CA THR A 12 -8.56 -4.11 -1.55
C THR A 12 -8.19 -2.76 -2.15
N LYS A 13 -9.10 -2.16 -2.92
CA LYS A 13 -9.01 -0.75 -3.29
C LYS A 13 -8.95 0.10 -2.02
N GLU A 14 -9.65 -0.30 -0.96
CA GLU A 14 -9.58 0.28 0.37
C GLU A 14 -8.14 0.28 0.89
N GLU A 15 -7.48 -0.87 1.02
CA GLU A 15 -6.14 -0.92 1.58
C GLU A 15 -5.16 -0.11 0.73
N VAL A 16 -5.30 -0.14 -0.60
CA VAL A 16 -4.52 0.72 -1.49
C VAL A 16 -4.79 2.21 -1.22
N ASN A 17 -6.05 2.56 -0.98
CA ASN A 17 -6.46 3.93 -0.68
C ASN A 17 -5.78 4.41 0.61
N TYR A 18 -5.82 3.59 1.65
CA TYR A 18 -5.18 3.90 2.92
C TYR A 18 -3.66 3.93 2.78
N LEU A 19 -3.10 3.10 1.90
CA LEU A 19 -1.69 3.17 1.55
C LEU A 19 -1.36 4.58 1.06
N PHE A 20 -2.11 5.10 0.07
CA PHE A 20 -1.91 6.45 -0.44
C PHE A 20 -2.14 7.51 0.65
N HIS A 21 -3.22 7.40 1.42
CA HIS A 21 -3.52 8.33 2.51
C HIS A 21 -2.37 8.41 3.50
N GLY A 22 -1.77 7.26 3.82
CA GLY A 22 -0.67 7.08 4.74
C GLY A 22 0.61 7.71 4.21
N VAL A 23 1.03 7.37 2.99
CA VAL A 23 2.28 7.91 2.46
C VAL A 23 2.19 9.44 2.25
N LYS A 24 0.98 9.99 2.10
CA LYS A 24 0.79 11.43 2.03
C LYS A 24 1.13 12.07 3.37
N THR A 25 0.64 11.48 4.46
CA THR A 25 0.55 12.14 5.76
C THR A 25 1.77 11.80 6.63
N MET A 26 2.21 10.53 6.61
CA MET A 26 3.50 10.13 7.16
C MET A 26 4.57 10.45 6.13
N GLY A 27 4.50 9.76 5.00
CA GLY A 27 5.69 9.39 4.26
C GLY A 27 5.82 7.87 4.31
N ASN A 28 7.00 7.37 3.99
CA ASN A 28 7.29 5.95 3.93
C ASN A 28 7.53 5.36 5.33
N HIS A 29 7.03 5.95 6.43
CA HIS A 29 6.99 5.22 7.68
C HIS A 29 5.86 4.20 7.59
N TRP A 30 6.26 2.99 7.23
CA TRP A 30 5.35 1.87 7.08
C TRP A 30 4.89 1.40 8.45
N ASN A 31 5.78 1.46 9.43
CA ASN A 31 5.51 1.03 10.79
C ASN A 31 4.50 1.96 11.49
N SER A 32 4.21 3.13 10.93
CA SER A 32 3.13 3.99 11.37
C SER A 32 1.84 3.58 10.65
N ILE A 33 1.84 3.58 9.32
CA ILE A 33 0.69 3.34 8.45
C ILE A 33 -0.03 2.04 8.81
N LEU A 34 0.73 0.96 9.04
CA LEU A 34 0.21 -0.38 9.31
C LEU A 34 -0.72 -0.41 10.52
N TRP A 35 -0.54 0.56 11.41
CA TRP A 35 -1.30 0.71 12.64
C TRP A 35 -2.24 1.92 12.56
N SER A 36 -1.84 3.00 11.91
CA SER A 36 -2.73 4.15 11.74
C SER A 36 -4.00 3.79 10.95
N PHE A 37 -3.93 2.81 10.04
CA PHE A 37 -5.06 2.38 9.20
C PHE A 37 -5.23 0.87 9.35
N PRO A 38 -6.45 0.32 9.20
CA PRO A 38 -6.67 -1.09 9.47
C PRO A 38 -6.38 -1.92 8.21
N PHE A 39 -5.27 -2.65 8.18
CA PHE A 39 -4.94 -3.53 7.07
C PHE A 39 -5.45 -4.94 7.36
N GLN A 40 -5.58 -5.76 6.31
CA GLN A 40 -5.91 -7.17 6.47
C GLN A 40 -4.75 -7.89 7.17
N LYS A 41 -5.07 -8.90 7.99
CA LYS A 41 -4.08 -9.68 8.72
C LYS A 41 -3.03 -10.22 7.77
N GLY A 42 -1.79 -10.32 8.23
CA GLY A 42 -0.68 -10.76 7.41
C GLY A 42 -0.01 -9.61 6.66
N ARG A 43 -0.63 -8.43 6.55
CA ARG A 43 0.14 -7.23 6.23
C ARG A 43 1.06 -6.96 7.40
N ARG A 44 2.34 -7.15 7.16
CA ARG A 44 3.43 -6.58 7.93
C ARG A 44 3.65 -5.17 7.41
N ALA A 45 4.53 -4.40 8.03
CA ALA A 45 4.96 -3.11 7.51
C ALA A 45 5.64 -3.28 6.13
N VAL A 46 6.38 -4.36 5.93
CA VAL A 46 7.16 -4.62 4.70
C VAL A 46 6.26 -4.80 3.49
N ASP A 47 5.07 -5.31 3.73
CA ASP A 47 4.04 -5.48 2.70
C ASP A 47 3.70 -4.12 2.11
N LEU A 48 3.60 -3.09 2.95
CA LEU A 48 3.25 -1.74 2.50
C LEU A 48 4.36 -1.18 1.63
N ALA A 49 5.61 -1.39 2.04
CA ALA A 49 6.78 -0.93 1.31
C ALA A 49 6.81 -1.60 -0.05
N HIS A 50 6.64 -2.93 -0.06
CA HIS A 50 6.59 -3.74 -1.26
C HIS A 50 5.47 -3.27 -2.18
N LYS A 51 4.26 -3.16 -1.64
CA LYS A 51 3.07 -2.77 -2.37
C LYS A 51 3.28 -1.45 -3.05
N TYR A 52 3.76 -0.46 -2.29
CA TYR A 52 3.98 0.89 -2.74
C TYR A 52 4.98 0.90 -3.87
N HIS A 53 6.15 0.26 -3.71
CA HIS A 53 7.15 0.14 -4.76
C HIS A 53 6.50 -0.37 -6.07
N ARG A 54 5.71 -1.44 -5.97
CA ARG A 54 4.99 -2.00 -7.10
C ARG A 54 3.92 -1.07 -7.66
N LEU A 55 3.24 -0.32 -6.80
CA LEU A 55 2.23 0.65 -7.24
C LEU A 55 2.92 1.78 -8.01
N ILE A 56 3.95 2.42 -7.45
CA ILE A 56 4.60 3.56 -8.08
C ILE A 56 5.25 3.18 -9.42
N SER A 57 5.84 1.97 -9.54
CA SER A 57 6.27 1.42 -10.81
C SER A 57 6.42 -0.10 -10.66
N GLY A 58 5.65 -0.86 -11.45
CA GLY A 58 5.76 -2.30 -11.51
C GLY A 58 7.03 -2.77 -12.24
N PRO A 59 7.16 -4.07 -12.53
CA PRO A 59 8.11 -4.59 -13.50
C PRO A 59 7.65 -4.17 -14.91
N SER A 60 7.79 -2.89 -15.21
CA SER A 60 7.11 -2.13 -16.25
C SER A 60 8.04 -1.10 -16.89
N SER A 61 9.36 -1.23 -16.69
CA SER A 61 10.37 -0.26 -17.08
C SER A 61 10.50 -0.09 -18.60
N GLY A 62 9.87 -0.96 -19.37
CA GLY A 62 9.40 -0.75 -20.72
C GLY A 62 7.94 -1.13 -20.68
N GLY A 1 -10.97 13.03 -10.52
CA GLY A 1 -11.31 11.60 -10.54
C GLY A 1 -10.29 10.81 -11.34
N SER A 2 -9.94 9.62 -10.88
CA SER A 2 -8.97 8.75 -11.54
C SER A 2 -9.26 7.28 -11.19
N SER A 3 -10.15 6.67 -11.96
CA SER A 3 -10.22 5.22 -12.07
C SER A 3 -8.93 4.70 -12.74
N GLY A 4 -8.70 3.39 -12.70
CA GLY A 4 -7.59 2.74 -13.41
C GLY A 4 -6.78 1.81 -12.53
N SER A 5 -6.74 2.02 -11.20
CA SER A 5 -5.96 1.18 -10.29
C SER A 5 -6.87 0.12 -9.66
N SER A 6 -6.60 -1.15 -9.97
CA SER A 6 -7.51 -2.27 -9.79
C SER A 6 -6.80 -3.39 -9.03
N GLY A 7 -7.47 -4.01 -8.07
CA GLY A 7 -6.95 -5.13 -7.30
C GLY A 7 -7.76 -5.33 -6.03
N ARG A 8 -7.89 -6.58 -5.58
CA ARG A 8 -8.73 -6.94 -4.43
C ARG A 8 -8.01 -7.86 -3.46
N LYS A 9 -7.20 -8.81 -3.92
CA LYS A 9 -6.44 -9.67 -3.01
C LYS A 9 -5.15 -8.98 -2.57
N ASP A 10 -4.52 -9.50 -1.52
CA ASP A 10 -3.28 -9.08 -0.85
C ASP A 10 -3.40 -7.71 -0.18
N PHE A 11 -3.81 -6.69 -0.92
CA PHE A 11 -4.35 -5.44 -0.41
C PHE A 11 -5.59 -5.14 -1.21
N THR A 12 -6.70 -4.95 -0.50
CA THR A 12 -7.96 -4.51 -1.09
C THR A 12 -7.77 -3.13 -1.72
N LYS A 13 -8.72 -2.72 -2.58
CA LYS A 13 -8.77 -1.35 -3.08
C LYS A 13 -8.81 -0.34 -1.92
N GLU A 14 -9.41 -0.73 -0.80
CA GLU A 14 -9.52 0.08 0.42
C GLU A 14 -8.12 0.26 1.01
N GLU A 15 -7.37 -0.83 1.19
CA GLU A 15 -6.05 -0.77 1.80
C GLU A 15 -5.10 0.05 0.91
N VAL A 16 -5.18 -0.06 -0.41
CA VAL A 16 -4.35 0.75 -1.32
C VAL A 16 -4.80 2.22 -1.28
N ASN A 17 -6.07 2.48 -0.92
CA ASN A 17 -6.54 3.82 -0.63
C ASN A 17 -5.75 4.39 0.54
N TYR A 18 -5.82 3.70 1.69
CA TYR A 18 -5.23 4.14 2.95
C TYR A 18 -3.72 4.22 2.88
N LEU A 19 -3.11 3.40 2.04
CA LEU A 19 -1.68 3.39 1.82
C LEU A 19 -1.21 4.76 1.34
N PHE A 20 -1.79 5.26 0.25
CA PHE A 20 -1.46 6.56 -0.30
C PHE A 20 -1.93 7.64 0.69
N HIS A 21 -3.13 7.49 1.26
CA HIS A 21 -3.65 8.39 2.29
C HIS A 21 -2.66 8.56 3.45
N GLY A 22 -1.92 7.51 3.80
CA GLY A 22 -0.99 7.45 4.91
C GLY A 22 0.40 7.95 4.52
N VAL A 23 0.97 7.49 3.40
CA VAL A 23 2.29 7.96 2.97
C VAL A 23 2.25 9.46 2.68
N LYS A 24 1.14 9.97 2.13
CA LYS A 24 1.04 11.36 1.72
C LYS A 24 1.16 12.30 2.92
N THR A 25 0.76 11.83 4.10
CA THR A 25 0.85 12.59 5.34
C THR A 25 2.14 12.22 6.06
N MET A 26 2.36 10.95 6.41
CA MET A 26 3.46 10.53 7.27
C MET A 26 4.83 10.63 6.59
N GLY A 27 4.89 10.49 5.27
CA GLY A 27 6.06 9.95 4.62
C GLY A 27 6.12 8.44 4.87
N ASN A 28 7.31 7.86 4.75
CA ASN A 28 7.53 6.43 4.59
C ASN A 28 7.49 5.67 5.92
N HIS A 29 6.70 6.12 6.91
CA HIS A 29 6.65 5.42 8.18
C HIS A 29 5.70 4.24 7.99
N TRP A 30 6.25 3.07 7.70
CA TRP A 30 5.44 1.93 7.30
C TRP A 30 4.81 1.28 8.52
N ASN A 31 5.60 1.06 9.57
CA ASN A 31 5.16 0.61 10.88
C ASN A 31 3.98 1.44 11.38
N SER A 32 4.12 2.77 11.39
CA SER A 32 3.07 3.69 11.77
C SER A 32 1.81 3.45 10.94
N ILE A 33 1.88 3.48 9.61
CA ILE A 33 0.76 3.27 8.70
C ILE A 33 0.05 1.95 9.02
N LEU A 34 0.81 0.85 9.23
CA LEU A 34 0.29 -0.48 9.48
C LEU A 34 -0.68 -0.51 10.67
N TRP A 35 -0.58 0.47 11.58
CA TRP A 35 -1.46 0.61 12.73
C TRP A 35 -2.43 1.77 12.55
N SER A 36 -1.98 2.84 11.89
CA SER A 36 -2.78 4.02 11.64
C SER A 36 -4.03 3.68 10.81
N PHE A 37 -3.95 2.68 9.94
CA PHE A 37 -5.05 2.32 9.04
C PHE A 37 -5.23 0.80 9.08
N PRO A 38 -6.45 0.30 8.83
CA PRO A 38 -6.77 -1.12 8.99
C PRO A 38 -6.26 -1.94 7.80
N PHE A 39 -5.23 -2.76 8.01
CA PHE A 39 -4.71 -3.68 6.98
C PHE A 39 -5.05 -5.12 7.36
N GLN A 40 -4.80 -6.04 6.43
CA GLN A 40 -5.07 -7.45 6.58
C GLN A 40 -4.34 -8.08 7.77
N LYS A 41 -4.85 -9.23 8.21
CA LYS A 41 -4.31 -9.98 9.32
C LYS A 41 -2.93 -10.51 8.94
N GLY A 42 -2.00 -10.45 9.89
CA GLY A 42 -0.66 -10.99 9.74
C GLY A 42 0.23 -10.23 8.75
N ARG A 43 -0.20 -9.09 8.20
CA ARG A 43 0.68 -8.28 7.37
C ARG A 43 1.88 -7.81 8.19
N ARG A 44 2.95 -7.46 7.49
CA ARG A 44 4.13 -6.80 8.03
C ARG A 44 4.18 -5.40 7.45
N ALA A 45 4.93 -4.49 8.08
CA ALA A 45 5.11 -3.13 7.55
C ALA A 45 5.68 -3.16 6.13
N VAL A 46 6.55 -4.12 5.82
CA VAL A 46 7.19 -4.28 4.50
C VAL A 46 6.19 -4.53 3.39
N ASP A 47 5.03 -5.06 3.74
CA ASP A 47 3.97 -5.31 2.77
C ASP A 47 3.48 -3.99 2.19
N LEU A 48 3.49 -2.95 3.02
CA LEU A 48 3.11 -1.58 2.68
C LEU A 48 4.15 -0.96 1.78
N ALA A 49 5.44 -1.18 2.07
CA ALA A 49 6.51 -0.76 1.19
C ALA A 49 6.34 -1.48 -0.15
N HIS A 50 6.22 -2.81 -0.13
CA HIS A 50 6.33 -3.61 -1.32
C HIS A 50 5.29 -3.25 -2.37
N LYS A 51 4.02 -3.24 -1.98
CA LYS A 51 2.95 -3.02 -2.94
C LYS A 51 3.05 -1.63 -3.53
N TYR A 52 3.36 -0.63 -2.72
CA TYR A 52 3.60 0.75 -3.10
C TYR A 52 4.72 0.82 -4.12
N HIS A 53 5.87 0.23 -3.81
CA HIS A 53 7.04 0.20 -4.66
C HIS A 53 6.65 -0.37 -6.04
N ARG A 54 5.91 -1.48 -6.07
CA ARG A 54 5.42 -2.07 -7.31
C ARG A 54 4.41 -1.13 -7.99
N LEU A 55 3.49 -0.49 -7.27
CA LEU A 55 2.52 0.43 -7.83
C LEU A 55 3.18 1.63 -8.51
N ILE A 56 4.07 2.36 -7.82
CA ILE A 56 4.72 3.53 -8.41
C ILE A 56 5.52 3.12 -9.65
N SER A 57 6.14 1.94 -9.61
CA SER A 57 6.84 1.35 -10.73
C SER A 57 5.88 1.15 -11.92
N GLY A 58 4.83 0.36 -11.74
CA GLY A 58 3.82 0.03 -12.74
C GLY A 58 3.71 -1.48 -12.94
N PRO A 59 2.90 -1.94 -13.91
CA PRO A 59 2.71 -3.35 -14.19
C PRO A 59 3.99 -4.00 -14.74
N SER A 60 4.62 -3.35 -15.73
CA SER A 60 5.78 -3.87 -16.43
C SER A 60 7.05 -3.63 -15.60
N SER A 61 7.26 -4.43 -14.55
CA SER A 61 8.41 -4.35 -13.66
C SER A 61 8.46 -2.98 -12.94
N GLY A 62 9.57 -2.71 -12.25
CA GLY A 62 10.13 -1.37 -12.15
C GLY A 62 11.46 -1.34 -12.85
N GLY A 1 10.28 -18.07 -0.02
CA GLY A 1 9.16 -18.21 -0.96
C GLY A 1 9.02 -16.97 -1.81
N SER A 2 8.69 -17.15 -3.08
CA SER A 2 8.52 -16.08 -4.06
C SER A 2 7.37 -16.46 -5.00
N SER A 3 6.87 -15.52 -5.81
CA SER A 3 5.72 -15.75 -6.68
C SER A 3 6.10 -16.73 -7.80
N GLY A 4 5.21 -17.69 -8.07
CA GLY A 4 5.35 -18.69 -9.12
C GLY A 4 4.03 -18.77 -9.87
N SER A 5 3.86 -17.93 -10.89
CA SER A 5 2.70 -17.82 -11.79
C SER A 5 1.34 -17.58 -11.16
N SER A 6 1.19 -17.54 -9.84
CA SER A 6 -0.09 -17.27 -9.19
C SER A 6 -0.53 -15.82 -9.43
N GLY A 7 -0.08 -14.86 -8.61
CA GLY A 7 -0.52 -13.48 -8.69
C GLY A 7 0.54 -12.50 -8.21
N ARG A 8 0.24 -11.21 -8.33
CA ARG A 8 1.13 -10.11 -8.00
C ARG A 8 0.50 -9.10 -7.05
N LYS A 9 -0.82 -9.14 -6.84
CA LYS A 9 -1.48 -8.30 -5.84
C LYS A 9 -2.26 -9.18 -4.87
N ASP A 10 -2.28 -8.77 -3.61
CA ASP A 10 -3.13 -9.29 -2.53
C ASP A 10 -3.31 -8.15 -1.54
N PHE A 11 -3.68 -6.98 -2.08
CA PHE A 11 -3.85 -5.74 -1.34
C PHE A 11 -5.07 -5.09 -1.99
N THR A 12 -6.21 -5.15 -1.31
CA THR A 12 -7.51 -4.77 -1.86
C THR A 12 -7.58 -3.26 -2.09
N LYS A 13 -8.50 -2.80 -2.94
CA LYS A 13 -8.53 -1.42 -3.44
C LYS A 13 -8.64 -0.39 -2.32
N GLU A 14 -9.29 -0.76 -1.23
CA GLU A 14 -9.53 0.01 -0.01
C GLU A 14 -8.20 0.18 0.71
N GLU A 15 -7.47 -0.91 0.94
CA GLU A 15 -6.18 -0.86 1.61
C GLU A 15 -5.18 0.01 0.83
N VAL A 16 -5.23 0.04 -0.52
CA VAL A 16 -4.36 0.93 -1.32
C VAL A 16 -4.73 2.38 -1.06
N ASN A 17 -6.01 2.63 -0.82
CA ASN A 17 -6.54 3.95 -0.57
C ASN A 17 -5.87 4.49 0.70
N TYR A 18 -5.91 3.71 1.78
CA TYR A 18 -5.24 4.00 3.04
C TYR A 18 -3.74 4.06 2.88
N LEU A 19 -3.17 3.21 2.04
CA LEU A 19 -1.74 3.19 1.77
C LEU A 19 -1.31 4.57 1.25
N PHE A 20 -1.95 5.06 0.17
CA PHE A 20 -1.64 6.36 -0.40
C PHE A 20 -1.93 7.48 0.59
N HIS A 21 -3.04 7.41 1.34
CA HIS A 21 -3.37 8.39 2.36
C HIS A 21 -2.24 8.48 3.37
N GLY A 22 -1.90 7.35 4.00
CA GLY A 22 -0.82 7.23 4.96
C GLY A 22 0.47 7.82 4.46
N VAL A 23 0.95 7.38 3.29
CA VAL A 23 2.22 7.85 2.76
C VAL A 23 2.15 9.34 2.38
N LYS A 24 0.96 9.89 2.10
CA LYS A 24 0.78 11.30 1.80
C LYS A 24 0.87 12.15 3.06
N THR A 25 0.43 11.65 4.22
CA THR A 25 0.44 12.43 5.47
C THR A 25 1.76 12.19 6.20
N MET A 26 2.19 10.94 6.36
CA MET A 26 3.43 10.63 7.04
C MET A 26 4.60 10.83 6.08
N GLY A 27 4.65 9.99 5.04
CA GLY A 27 5.86 9.70 4.28
C GLY A 27 6.11 8.20 4.38
N ASN A 28 7.37 7.80 4.28
CA ASN A 28 7.87 6.42 4.22
C ASN A 28 7.77 5.70 5.58
N HIS A 29 7.01 6.21 6.55
CA HIS A 29 6.89 5.54 7.85
C HIS A 29 5.93 4.36 7.68
N TRP A 30 6.50 3.17 7.49
CA TRP A 30 5.74 2.01 7.11
C TRP A 30 5.03 1.42 8.33
N ASN A 31 5.76 1.17 9.42
CA ASN A 31 5.18 0.60 10.65
C ASN A 31 4.04 1.46 11.17
N SER A 32 4.24 2.78 11.19
CA SER A 32 3.24 3.72 11.67
C SER A 32 1.94 3.61 10.85
N ILE A 33 2.00 3.67 9.52
CA ILE A 33 0.83 3.55 8.65
C ILE A 33 0.11 2.23 8.94
N LEU A 34 0.84 1.12 9.08
CA LEU A 34 0.33 -0.20 9.33
C LEU A 34 -0.64 -0.20 10.53
N TRP A 35 -0.41 0.69 11.49
CA TRP A 35 -1.19 0.80 12.71
C TRP A 35 -2.16 1.99 12.64
N SER A 36 -1.77 3.08 11.99
CA SER A 36 -2.55 4.31 11.86
C SER A 36 -3.85 4.10 11.05
N PHE A 37 -3.92 3.08 10.20
CA PHE A 37 -5.12 2.72 9.45
C PHE A 37 -5.44 1.25 9.76
N PRO A 38 -6.70 0.82 9.68
CA PRO A 38 -7.05 -0.57 9.92
C PRO A 38 -6.71 -1.37 8.67
N PHE A 39 -5.67 -2.21 8.72
CA PHE A 39 -5.22 -3.01 7.58
C PHE A 39 -5.62 -4.47 7.79
N GLN A 40 -5.73 -5.23 6.70
CA GLN A 40 -6.08 -6.65 6.71
C GLN A 40 -5.06 -7.47 7.52
N LYS A 41 -5.49 -8.61 8.05
CA LYS A 41 -4.61 -9.51 8.82
C LYS A 41 -3.59 -10.22 7.93
N GLY A 42 -2.61 -10.85 8.58
CA GLY A 42 -1.46 -11.47 7.93
C GLY A 42 -0.42 -10.47 7.45
N ARG A 43 -0.73 -9.17 7.53
CA ARG A 43 0.09 -8.08 7.06
C ARG A 43 1.40 -7.94 7.82
N ARG A 44 2.31 -7.16 7.25
CA ARG A 44 3.57 -6.72 7.84
C ARG A 44 3.80 -5.28 7.41
N ALA A 45 4.72 -4.55 8.03
CA ALA A 45 5.11 -3.24 7.52
C ALA A 45 5.64 -3.35 6.07
N VAL A 46 6.28 -4.46 5.72
CA VAL A 46 6.93 -4.69 4.42
C VAL A 46 5.92 -4.97 3.31
N ASP A 47 4.70 -5.37 3.68
CA ASP A 47 3.62 -5.49 2.69
C ASP A 47 3.46 -4.12 2.07
N LEU A 48 3.29 -3.11 2.93
CA LEU A 48 3.07 -1.72 2.58
C LEU A 48 4.14 -1.21 1.62
N ALA A 49 5.41 -1.38 2.02
CA ALA A 49 6.57 -0.87 1.33
C ALA A 49 6.65 -1.51 -0.05
N HIS A 50 6.51 -2.84 -0.09
CA HIS A 50 6.60 -3.59 -1.32
C HIS A 50 5.46 -3.22 -2.26
N LYS A 51 4.21 -3.16 -1.77
CA LYS A 51 3.05 -2.82 -2.53
C LYS A 51 3.22 -1.44 -3.14
N TYR A 52 3.61 -0.45 -2.33
CA TYR A 52 3.86 0.90 -2.77
C TYR A 52 4.90 0.93 -3.87
N HIS A 53 6.02 0.23 -3.69
CA HIS A 53 7.03 0.10 -4.72
C HIS A 53 6.41 -0.43 -6.02
N ARG A 54 5.62 -1.51 -5.95
CA ARG A 54 4.87 -2.08 -7.08
C ARG A 54 3.82 -1.12 -7.65
N LEU A 55 3.30 -0.19 -6.86
CA LEU A 55 2.36 0.82 -7.33
C LEU A 55 3.08 1.92 -8.10
N ILE A 56 4.13 2.52 -7.52
CA ILE A 56 4.78 3.67 -8.13
C ILE A 56 5.44 3.29 -9.47
N SER A 57 5.91 2.05 -9.64
CA SER A 57 6.13 1.44 -10.95
C SER A 57 6.17 -0.07 -10.77
N GLY A 58 6.37 -0.85 -11.84
CA GLY A 58 6.52 -2.29 -11.69
C GLY A 58 6.66 -3.01 -13.01
N PRO A 59 6.90 -4.33 -12.97
CA PRO A 59 7.20 -5.12 -14.15
C PRO A 59 6.00 -5.38 -15.05
N SER A 60 4.77 -5.04 -14.62
CA SER A 60 3.56 -5.55 -15.23
C SER A 60 3.70 -7.08 -15.34
N SER A 61 3.31 -7.69 -16.45
CA SER A 61 4.02 -8.85 -16.97
C SER A 61 4.83 -8.40 -18.17
N GLY A 62 5.95 -9.07 -18.43
CA GLY A 62 6.63 -9.04 -19.71
C GLY A 62 6.29 -10.35 -20.37
#